data_8Y1T
#
_entry.id   8Y1T
#
_cell.length_a   62.563
_cell.length_b   121.741
_cell.length_c   154.278
_cell.angle_alpha   90.00
_cell.angle_beta   90.00
_cell.angle_gamma   90.00
#
_symmetry.space_group_name_H-M   'P 21 21 21'
#
loop_
_entity.id
_entity.type
_entity.pdbx_description
1 polymer 'Glycerol kinase'
2 non-polymer SN-GLYCEROL-3-PHOSPHATE
3 non-polymer "ADENOSINE-5'-DIPHOSPHATE"
4 non-polymer 'MAGNESIUM ION'
5 non-polymer GLYCEROL
#
_entity_poly.entity_id   1
_entity_poly.type   'polypeptide(L)'
_entity_poly.pdbx_seq_one_letter_code
;GIDPFTMKYVGSIDQGTTSTRFIIFDERQRPVSVHQVPHTQHTPHPGWLEHDPMEIFRSACKCMSVAIAKLRQKDASFRK
IEAIGITNQRETTVAWDRVTKEPLCYAPVWNDLRTYDITKKVTAELGGGDSMFASKITGLPVSTYFAAFKMRWMLENVPA
VADACRRGTLCFGTIDTWLMYKLSGGKAFVTDVTNASRTFLMDLRTRKWSPELCEKLKIPMETLPEIRSNSELFGYVETD
ECGVAAALNERTPIMGSIGDQQSALFGNMCFEKGEAKNTYGTGCFLLMNVGEEARFSKHGLLSTVGFQVGRDGPCYYALE
GAIACAGATVEWMRRNMNLFSHITECEKLARSVPGTQGIVFVPAFSGLLAPYWDPSARGTIVGMTLKTTRAHVIRAALQA
IALQLNDVVGSMKRDAGLNLSSLRVDGGLSKNGLLMEIQASLLGVDILVPSMHETTALGAALCAGLAAGVWTSLEEVKAV
SRRENSWKTVSPSGSAMEREAMIAEWREALKRTKWAKL
;
_entity_poly.pdbx_strand_id   A,B
#
# COMPACT_ATOMS: atom_id res chain seq x y z
N PRO A 4 2.74 -53.04 -32.03
CA PRO A 4 3.91 -52.35 -32.54
C PRO A 4 4.78 -51.87 -31.40
N PHE A 5 6.09 -51.92 -31.61
CA PHE A 5 7.01 -51.48 -30.58
C PHE A 5 8.01 -50.46 -31.08
N THR A 6 7.49 -49.42 -31.74
CA THR A 6 8.28 -48.33 -32.22
C THR A 6 7.83 -47.17 -31.39
N MET A 7 8.63 -46.11 -31.31
CA MET A 7 8.27 -44.94 -30.53
C MET A 7 6.92 -44.38 -30.94
N LYS A 8 6.13 -44.02 -29.97
CA LYS A 8 4.81 -43.45 -30.21
C LYS A 8 4.82 -41.99 -29.78
N TYR A 9 4.06 -41.19 -30.53
CA TYR A 9 4.01 -39.76 -30.36
C TYR A 9 2.56 -39.32 -30.46
N VAL A 10 2.15 -38.47 -29.53
CA VAL A 10 0.82 -37.87 -29.47
C VAL A 10 0.97 -36.35 -29.63
N GLY A 11 0.06 -35.74 -30.37
CA GLY A 11 0.08 -34.28 -30.63
C GLY A 11 -0.98 -33.53 -29.83
N SER A 12 -0.68 -32.30 -29.41
CA SER A 12 -1.63 -31.51 -28.65
C SER A 12 -1.74 -30.09 -29.18
N ILE A 13 -2.91 -29.73 -29.69
CA ILE A 13 -3.25 -28.39 -30.05
C ILE A 13 -3.74 -27.67 -28.81
N ASP A 14 -3.01 -26.66 -28.40
CA ASP A 14 -3.36 -25.82 -27.25
C ASP A 14 -3.76 -24.41 -27.74
N GLN A 15 -5.08 -24.20 -27.91
CA GLN A 15 -5.61 -23.00 -28.49
C GLN A 15 -6.01 -22.05 -27.37
N GLY A 16 -5.20 -21.04 -27.10
CA GLY A 16 -5.46 -20.10 -26.01
C GLY A 16 -6.01 -18.75 -26.46
N THR A 17 -6.17 -17.86 -25.49
CA THR A 17 -6.72 -16.54 -25.73
C THR A 17 -5.87 -15.69 -26.63
N THR A 18 -4.56 -15.74 -26.46
CA THR A 18 -3.67 -14.96 -27.28
C THR A 18 -2.79 -15.72 -28.27
N SER A 19 -2.64 -17.03 -28.12
CA SER A 19 -1.83 -17.80 -29.05
C SER A 19 -2.20 -19.24 -29.13
N THR A 20 -1.65 -19.94 -30.09
CA THR A 20 -1.91 -21.35 -30.27
C THR A 20 -0.59 -22.09 -30.31
N ARG A 21 -0.54 -23.25 -29.67
CA ARG A 21 0.68 -24.03 -29.64
C ARG A 21 0.42 -25.50 -29.94
N PHE A 22 1.35 -26.14 -30.64
CA PHE A 22 1.19 -27.52 -30.98
C PHE A 22 2.37 -28.20 -30.35
N ILE A 23 2.08 -29.11 -29.44
CA ILE A 23 3.11 -29.81 -28.72
C ILE A 23 3.04 -31.29 -28.96
N ILE A 24 4.11 -31.86 -29.46
CA ILE A 24 4.19 -33.26 -29.68
C ILE A 24 4.82 -33.83 -28.43
N PHE A 25 4.10 -34.76 -27.79
CA PHE A 25 4.63 -35.55 -26.69
C PHE A 25 5.02 -36.95 -27.17
N ASP A 26 6.09 -37.51 -26.62
CA ASP A 26 6.41 -38.94 -26.82
C ASP A 26 5.70 -39.81 -25.78
N GLU A 27 5.88 -41.13 -25.87
CA GLU A 27 5.26 -42.06 -24.91
C GLU A 27 5.72 -41.89 -23.45
N ARG A 28 6.87 -41.23 -23.22
CA ARG A 28 7.33 -40.88 -21.86
C ARG A 28 6.72 -39.60 -21.30
N GLN A 29 5.69 -39.06 -21.98
CA GLN A 29 5.10 -37.77 -21.65
C GLN A 29 6.10 -36.60 -21.65
N ARG A 30 7.12 -36.68 -22.50
CA ARG A 30 8.07 -35.59 -22.71
C ARG A 30 7.63 -34.79 -23.92
N PRO A 31 7.61 -33.44 -23.82
CA PRO A 31 7.39 -32.59 -24.99
C PRO A 31 8.68 -32.52 -25.78
N VAL A 32 8.64 -33.01 -27.01
CA VAL A 32 9.81 -33.14 -27.89
C VAL A 32 9.81 -32.15 -29.07
N SER A 33 8.68 -31.47 -29.32
CA SER A 33 8.65 -30.39 -30.28
C SER A 33 7.50 -29.48 -29.94
N VAL A 34 7.72 -28.19 -30.14
CA VAL A 34 6.80 -27.17 -29.73
C VAL A 34 6.86 -26.03 -30.74
N HIS A 35 5.70 -25.53 -31.11
CA HIS A 35 5.63 -24.28 -31.83
C HIS A 35 4.40 -23.49 -31.46
N GLN A 36 4.56 -22.16 -31.46
CA GLN A 36 3.55 -21.19 -31.09
C GLN A 36 3.33 -20.12 -32.19
N VAL A 37 2.07 -19.76 -32.39
CA VAL A 37 1.67 -18.75 -33.35
C VAL A 37 0.52 -17.91 -32.75
N PRO A 38 0.68 -16.57 -32.66
CA PRO A 38 -0.41 -15.73 -32.11
C PRO A 38 -1.49 -15.44 -33.13
N HIS A 39 -2.64 -14.98 -32.66
CA HIS A 39 -3.76 -14.55 -33.52
C HIS A 39 -4.16 -13.16 -33.05
N THR A 40 -4.87 -12.43 -33.90
CA THR A 40 -5.13 -11.01 -33.71
C THR A 40 -6.24 -10.81 -32.64
N GLN A 41 -6.00 -9.88 -31.71
CA GLN A 41 -6.97 -9.45 -30.73
C GLN A 41 -7.76 -8.19 -31.22
N HIS A 42 -9.00 -8.41 -31.63
CA HIS A 42 -9.82 -7.33 -32.11
C HIS A 42 -10.69 -6.74 -31.02
N THR A 43 -10.63 -5.44 -30.83
CA THR A 43 -11.43 -4.78 -29.83
C THR A 43 -12.23 -3.62 -30.40
N PRO A 44 -13.45 -3.93 -30.96
CA PRO A 44 -14.19 -2.78 -31.49
C PRO A 44 -14.62 -1.73 -30.47
N HIS A 45 -15.06 -2.12 -29.29
CA HIS A 45 -15.46 -1.16 -28.29
C HIS A 45 -14.87 -1.56 -26.97
N PRO A 46 -14.80 -0.57 -26.02
CA PRO A 46 -14.21 -0.98 -24.75
C PRO A 46 -14.98 -2.11 -24.18
N GLY A 47 -14.27 -3.01 -23.53
CA GLY A 47 -14.85 -4.23 -22.97
C GLY A 47 -15.19 -5.32 -23.96
N TRP A 48 -15.09 -5.04 -25.25
CA TRP A 48 -15.34 -6.03 -26.29
C TRP A 48 -14.00 -6.68 -26.69
N LEU A 49 -14.00 -8.00 -26.82
CA LEU A 49 -12.88 -8.73 -27.41
C LEU A 49 -13.44 -9.86 -28.25
N GLU A 50 -12.85 -10.02 -29.44
CA GLU A 50 -13.36 -10.88 -30.50
C GLU A 50 -12.14 -11.55 -31.15
N HIS A 51 -12.26 -12.80 -31.60
CA HIS A 51 -11.22 -13.46 -32.41
C HIS A 51 -11.70 -13.82 -33.79
N ASP A 52 -10.79 -13.80 -34.75
CA ASP A 52 -11.05 -14.22 -36.11
C ASP A 52 -10.87 -15.74 -36.19
N PRO A 53 -11.97 -16.50 -36.36
CA PRO A 53 -11.92 -17.96 -36.27
C PRO A 53 -11.08 -18.68 -37.32
N MET A 54 -10.98 -18.06 -38.48
CA MET A 54 -10.21 -18.55 -39.57
C MET A 54 -8.75 -18.37 -39.26
N GLU A 55 -8.42 -17.25 -38.67
CA GLU A 55 -7.06 -16.96 -38.31
C GLU A 55 -6.63 -17.97 -37.29
N ILE A 56 -7.51 -18.28 -36.38
CA ILE A 56 -7.22 -19.25 -35.35
C ILE A 56 -6.98 -20.62 -35.96
N PHE A 57 -7.80 -20.99 -36.91
CA PHE A 57 -7.68 -22.28 -37.54
C PHE A 57 -6.38 -22.40 -38.29
N ARG A 58 -5.99 -21.35 -38.96
CA ARG A 58 -4.76 -21.34 -39.72
C ARG A 58 -3.55 -21.44 -38.83
N SER A 59 -3.61 -20.81 -37.68
CA SER A 59 -2.50 -20.85 -36.77
C SER A 59 -2.26 -22.24 -36.30
N ALA A 60 -3.31 -22.95 -36.00
CA ALA A 60 -3.18 -24.29 -35.53
C ALA A 60 -2.53 -25.12 -36.57
N CYS A 61 -2.93 -24.95 -37.80
CA CYS A 61 -2.36 -25.71 -38.87
C CYS A 61 -0.90 -25.38 -39.05
N LYS A 62 -0.57 -24.11 -38.96
CA LYS A 62 0.81 -23.71 -39.12
C LYS A 62 1.64 -24.28 -38.00
N CYS A 63 1.09 -24.27 -36.81
CA CYS A 63 1.76 -24.80 -35.66
C CYS A 63 2.07 -26.26 -35.80
N MET A 64 1.12 -27.02 -36.30
CA MET A 64 1.33 -28.42 -36.45
C MET A 64 2.42 -28.77 -37.42
N SER A 65 2.41 -28.17 -38.59
CA SER A 65 3.42 -28.46 -39.58
C SER A 65 4.81 -28.04 -39.23
N VAL A 66 4.96 -26.89 -38.58
CA VAL A 66 6.27 -26.44 -38.17
C VAL A 66 6.81 -27.34 -37.05
N ALA A 67 5.97 -27.65 -36.07
CA ALA A 67 6.35 -28.56 -34.98
C ALA A 67 6.73 -29.96 -35.47
N ILE A 68 5.95 -30.46 -36.43
CA ILE A 68 6.22 -31.74 -37.06
C ILE A 68 7.53 -31.70 -37.85
N ALA A 69 7.71 -30.68 -38.65
CA ALA A 69 8.91 -30.57 -39.42
C ALA A 69 10.12 -30.45 -38.54
N LYS A 70 10.03 -29.71 -37.44
CA LYS A 70 11.15 -29.58 -36.55
C LYS A 70 11.50 -30.93 -35.99
N LEU A 71 10.49 -31.69 -35.63
CA LEU A 71 10.67 -33.01 -35.07
C LEU A 71 11.32 -33.98 -36.02
N ARG A 72 10.93 -33.94 -37.28
CA ARG A 72 11.48 -34.86 -38.25
C ARG A 72 12.94 -34.62 -38.36
N GLN A 73 13.31 -33.35 -38.35
CA GLN A 73 14.69 -32.95 -38.44
C GLN A 73 15.51 -33.37 -37.26
N LYS A 74 14.94 -33.33 -36.06
CA LYS A 74 15.68 -33.70 -34.88
C LYS A 74 15.46 -35.06 -34.24
N ASP A 75 14.59 -35.88 -34.78
CA ASP A 75 14.36 -37.20 -34.21
C ASP A 75 14.20 -38.22 -35.31
N ALA A 76 15.16 -39.11 -35.45
CA ALA A 76 15.10 -40.11 -36.49
C ALA A 76 14.11 -41.21 -36.24
N SER A 77 13.63 -41.29 -35.01
CA SER A 77 12.69 -42.32 -34.65
C SER A 77 11.26 -41.91 -34.79
N PHE A 78 11.03 -40.67 -35.16
CA PHE A 78 9.68 -40.17 -35.28
C PHE A 78 9.14 -40.41 -36.65
N ARG A 79 8.06 -41.16 -36.74
CA ARG A 79 7.44 -41.46 -38.00
C ARG A 79 6.10 -40.77 -38.20
N LYS A 80 5.24 -40.83 -37.20
CA LYS A 80 3.92 -40.26 -37.28
C LYS A 80 3.35 -39.99 -35.93
N ILE A 81 2.25 -39.25 -35.88
CA ILE A 81 1.56 -38.91 -34.67
C ILE A 81 0.43 -39.91 -34.55
N GLU A 82 0.28 -40.54 -33.40
CA GLU A 82 -0.73 -41.57 -33.25
C GLU A 82 -2.12 -40.95 -33.21
N ALA A 83 -2.23 -39.83 -32.53
CA ALA A 83 -3.49 -39.11 -32.41
C ALA A 83 -3.25 -37.69 -31.95
N ILE A 84 -4.27 -36.86 -32.12
CA ILE A 84 -4.20 -35.44 -31.78
C ILE A 84 -5.26 -35.19 -30.74
N GLY A 85 -4.92 -34.34 -29.79
CA GLY A 85 -5.81 -33.94 -28.73
C GLY A 85 -5.97 -32.45 -28.83
N ILE A 86 -7.09 -31.92 -28.40
CA ILE A 86 -7.33 -30.51 -28.47
C ILE A 86 -7.72 -29.92 -27.14
N THR A 87 -7.07 -28.85 -26.76
CA THR A 87 -7.41 -28.16 -25.54
C THR A 87 -7.61 -26.72 -25.94
N ASN A 88 -8.57 -26.05 -25.35
CA ASN A 88 -8.90 -24.72 -25.77
C ASN A 88 -9.43 -23.75 -24.76
N GLN A 89 -9.35 -22.49 -25.14
CA GLN A 89 -9.87 -21.41 -24.34
C GLN A 89 -11.34 -21.65 -24.42
N ARG A 90 -11.98 -21.75 -23.27
CA ARG A 90 -13.38 -22.05 -23.23
C ARG A 90 -14.30 -20.87 -23.37
N GLU A 91 -15.56 -21.15 -23.60
CA GLU A 91 -16.58 -20.12 -23.60
C GLU A 91 -16.64 -19.28 -24.85
N THR A 92 -15.48 -18.95 -25.40
CA THR A 92 -15.38 -18.26 -26.67
C THR A 92 -16.26 -18.96 -27.74
N THR A 93 -17.08 -18.20 -28.46
CA THR A 93 -18.16 -18.87 -29.26
C THR A 93 -18.06 -18.52 -30.74
N VAL A 94 -18.05 -19.56 -31.58
CA VAL A 94 -17.98 -19.39 -33.03
C VAL A 94 -19.35 -19.62 -33.67
N ALA A 95 -19.75 -18.65 -34.49
CA ALA A 95 -20.95 -18.76 -35.32
C ALA A 95 -20.47 -18.95 -36.75
N TRP A 96 -20.83 -20.06 -37.37
CA TRP A 96 -20.39 -20.34 -38.72
C TRP A 96 -21.47 -20.99 -39.55
N ASP A 97 -21.30 -20.97 -40.85
CA ASP A 97 -22.29 -21.51 -41.75
C ASP A 97 -21.99 -22.89 -42.26
N ARG A 98 -22.97 -23.75 -42.19
CA ARG A 98 -22.85 -25.13 -42.57
C ARG A 98 -22.47 -25.31 -44.02
N VAL A 99 -22.95 -24.44 -44.89
CA VAL A 99 -22.60 -24.55 -46.30
C VAL A 99 -21.35 -23.81 -46.74
N THR A 100 -21.17 -22.57 -46.31
CA THR A 100 -19.97 -21.85 -46.68
C THR A 100 -18.79 -22.48 -45.96
N LYS A 101 -19.04 -22.93 -44.74
CA LYS A 101 -18.01 -23.55 -43.92
C LYS A 101 -17.08 -22.48 -43.41
N GLU A 102 -17.59 -21.28 -43.32
CA GLU A 102 -16.83 -20.14 -42.90
C GLU A 102 -17.63 -19.43 -41.84
N PRO A 103 -16.91 -18.60 -40.99
CA PRO A 103 -17.71 -17.90 -39.97
C PRO A 103 -18.61 -16.76 -40.45
N LEU A 104 -19.71 -16.54 -39.73
CA LEU A 104 -20.63 -15.47 -40.04
C LEU A 104 -20.20 -14.18 -39.41
N CYS A 105 -19.26 -14.27 -38.50
CA CYS A 105 -18.72 -13.10 -37.84
C CYS A 105 -17.58 -13.55 -37.00
N TYR A 106 -16.90 -12.60 -36.38
CA TYR A 106 -15.82 -12.95 -35.49
C TYR A 106 -16.44 -13.54 -34.25
N ALA A 107 -15.66 -14.22 -33.44
CA ALA A 107 -16.20 -14.84 -32.26
C ALA A 107 -15.89 -14.15 -30.97
N PRO A 108 -16.91 -13.77 -30.23
CA PRO A 108 -16.70 -13.14 -28.93
C PRO A 108 -16.02 -14.10 -27.94
N VAL A 109 -15.01 -13.55 -27.28
CA VAL A 109 -14.10 -14.23 -26.39
C VAL A 109 -14.73 -14.33 -24.99
N TRP A 110 -14.31 -15.33 -24.23
CA TRP A 110 -14.80 -15.51 -22.86
C TRP A 110 -14.90 -14.25 -21.99
N ASN A 111 -13.88 -13.39 -22.01
CA ASN A 111 -13.86 -12.21 -21.12
C ASN A 111 -14.52 -10.95 -21.73
N ASP A 112 -15.13 -11.12 -22.90
CA ASP A 112 -15.90 -10.08 -23.56
C ASP A 112 -17.12 -9.68 -22.74
N LEU A 113 -17.39 -8.37 -22.71
CA LEU A 113 -18.45 -7.78 -21.90
C LEU A 113 -19.71 -7.37 -22.69
N ARG A 114 -19.75 -7.58 -24.00
CA ARG A 114 -20.87 -7.07 -24.81
C ARG A 114 -22.22 -7.72 -24.45
N THR A 115 -22.16 -8.87 -23.77
CA THR A 115 -23.35 -9.59 -23.36
C THR A 115 -23.91 -9.10 -22.03
N TYR A 116 -23.41 -8.00 -21.51
CA TYR A 116 -23.87 -7.54 -20.24
C TYR A 116 -25.33 -7.23 -20.16
N ASP A 117 -25.89 -6.54 -21.15
CA ASP A 117 -27.30 -6.22 -21.10
C ASP A 117 -28.13 -7.46 -21.15
N ILE A 118 -27.73 -8.39 -21.98
CA ILE A 118 -28.46 -9.61 -22.13
C ILE A 118 -28.44 -10.33 -20.82
N THR A 119 -27.31 -10.26 -20.16
CA THR A 119 -27.18 -10.94 -18.90
C THR A 119 -28.11 -10.35 -17.85
N LYS A 120 -28.18 -9.04 -17.81
CA LYS A 120 -29.03 -8.38 -16.86
C LYS A 120 -30.48 -8.70 -17.12
N LYS A 121 -30.85 -8.75 -18.39
CA LYS A 121 -32.21 -9.05 -18.77
C LYS A 121 -32.59 -10.46 -18.36
N VAL A 122 -31.69 -11.39 -18.59
CA VAL A 122 -31.98 -12.77 -18.28
C VAL A 122 -32.20 -12.99 -16.82
N THR A 123 -31.39 -12.38 -15.99
CA THR A 123 -31.53 -12.59 -14.57
C THR A 123 -32.88 -12.11 -14.14
N ALA A 124 -33.23 -10.92 -14.57
CA ALA A 124 -34.52 -10.37 -14.21
C ALA A 124 -35.72 -11.03 -14.86
N GLU A 125 -35.70 -11.15 -16.17
CA GLU A 125 -36.83 -11.75 -16.86
C GLU A 125 -37.10 -13.24 -16.65
N LEU A 126 -36.07 -14.07 -16.63
CA LEU A 126 -36.29 -15.47 -16.39
C LEU A 126 -35.91 -15.86 -15.00
N GLY A 127 -35.16 -15.01 -14.34
CA GLY A 127 -34.73 -15.32 -13.00
C GLY A 127 -35.40 -14.63 -11.86
N GLY A 128 -36.30 -13.71 -12.15
CA GLY A 128 -37.00 -13.01 -11.10
C GLY A 128 -35.97 -12.33 -10.23
N GLY A 129 -34.88 -11.94 -10.84
CA GLY A 129 -33.82 -11.29 -10.12
C GLY A 129 -32.81 -12.22 -9.49
N ASP A 130 -32.94 -13.51 -9.74
CA ASP A 130 -32.01 -14.45 -9.18
C ASP A 130 -31.07 -14.94 -10.25
N SER A 131 -29.78 -14.63 -10.11
CA SER A 131 -28.76 -15.03 -11.06
C SER A 131 -28.43 -16.52 -11.02
N MET A 132 -28.81 -17.15 -9.92
CA MET A 132 -28.55 -18.56 -9.68
C MET A 132 -29.74 -19.45 -9.92
N PHE A 133 -30.74 -18.96 -10.62
CA PHE A 133 -31.93 -19.75 -10.84
C PHE A 133 -31.68 -21.03 -11.57
N ALA A 134 -30.79 -21.00 -12.54
CA ALA A 134 -30.51 -22.21 -13.34
C ALA A 134 -29.31 -23.03 -12.84
N SER A 135 -28.73 -22.65 -11.71
CA SER A 135 -27.49 -23.23 -11.22
C SER A 135 -27.55 -24.69 -10.76
N LYS A 136 -28.74 -25.21 -10.47
CA LYS A 136 -28.88 -26.65 -10.14
C LYS A 136 -28.95 -27.51 -11.40
N ILE A 137 -29.18 -26.89 -12.55
CA ILE A 137 -29.12 -27.56 -13.84
C ILE A 137 -27.72 -27.42 -14.48
N THR A 138 -27.24 -26.18 -14.60
CA THR A 138 -25.95 -25.88 -15.26
C THR A 138 -24.70 -25.94 -14.37
N GLY A 139 -24.85 -25.68 -13.06
CA GLY A 139 -23.72 -25.48 -12.16
C GLY A 139 -23.12 -24.07 -12.23
N LEU A 140 -23.84 -23.19 -12.92
CA LEU A 140 -23.36 -21.87 -13.31
C LEU A 140 -24.32 -20.78 -12.91
N PRO A 141 -23.80 -19.58 -12.61
CA PRO A 141 -24.62 -18.40 -12.49
C PRO A 141 -24.71 -17.72 -13.84
N VAL A 142 -25.73 -16.87 -13.98
CA VAL A 142 -25.84 -16.01 -15.14
C VAL A 142 -24.68 -15.01 -15.15
N SER A 143 -23.92 -15.04 -16.23
CA SER A 143 -22.75 -14.23 -16.36
C SER A 143 -22.38 -14.04 -17.81
N THR A 144 -21.66 -12.99 -18.09
CA THR A 144 -21.26 -12.68 -19.44
C THR A 144 -20.33 -13.68 -20.10
N TYR A 145 -19.72 -14.54 -19.31
CA TYR A 145 -18.79 -15.49 -19.85
C TYR A 145 -19.38 -16.62 -20.65
N PHE A 146 -20.45 -17.18 -20.16
CA PHE A 146 -21.02 -18.35 -20.79
C PHE A 146 -21.56 -18.26 -22.20
N ALA A 147 -21.25 -19.28 -22.97
CA ALA A 147 -21.61 -19.36 -24.36
C ALA A 147 -23.01 -18.97 -24.78
N ALA A 148 -24.02 -19.47 -24.10
CA ALA A 148 -25.39 -19.15 -24.46
C ALA A 148 -25.67 -17.67 -24.62
N PHE A 149 -25.17 -16.86 -23.71
CA PHE A 149 -25.35 -15.41 -23.77
C PHE A 149 -24.58 -14.73 -24.94
N LYS A 150 -23.55 -15.41 -25.47
CA LYS A 150 -22.85 -14.96 -26.68
C LYS A 150 -23.63 -15.38 -27.95
N MET A 151 -24.18 -16.59 -27.96
CA MET A 151 -25.03 -17.03 -29.06
C MET A 151 -26.22 -16.07 -29.18
N ARG A 152 -26.96 -15.95 -28.09
CA ARG A 152 -28.10 -15.07 -28.03
C ARG A 152 -27.72 -13.72 -28.59
N TRP A 153 -26.59 -13.15 -28.14
CA TRP A 153 -26.15 -11.81 -28.60
C TRP A 153 -25.92 -11.74 -30.10
N MET A 154 -25.38 -12.79 -30.70
CA MET A 154 -25.08 -12.81 -32.14
C MET A 154 -26.38 -12.78 -32.95
N LEU A 155 -27.35 -13.58 -32.54
CA LEU A 155 -28.69 -13.59 -33.16
C LEU A 155 -29.38 -12.20 -33.10
N GLU A 156 -29.23 -11.50 -31.99
CA GLU A 156 -29.85 -10.18 -31.78
C GLU A 156 -29.11 -8.99 -32.40
N ASN A 157 -27.82 -9.14 -32.69
CA ASN A 157 -27.03 -8.06 -33.25
C ASN A 157 -26.26 -8.38 -34.56
N VAL A 158 -26.34 -9.61 -35.06
CA VAL A 158 -25.62 -9.93 -36.31
C VAL A 158 -26.66 -10.40 -37.30
N PRO A 159 -26.98 -9.54 -38.29
CA PRO A 159 -27.98 -9.88 -39.32
C PRO A 159 -27.67 -11.20 -40.02
N ALA A 160 -26.42 -11.40 -40.43
CA ALA A 160 -26.01 -12.64 -41.12
C ALA A 160 -26.22 -13.93 -40.29
N VAL A 161 -26.08 -13.83 -38.97
CA VAL A 161 -26.26 -14.99 -38.07
C VAL A 161 -27.75 -15.28 -37.90
N ALA A 162 -28.49 -14.21 -37.56
CA ALA A 162 -29.97 -14.27 -37.47
C ALA A 162 -30.54 -14.78 -38.81
N ASP A 163 -29.95 -14.30 -39.91
CA ASP A 163 -30.25 -14.78 -41.25
C ASP A 163 -29.96 -16.28 -41.41
N ALA A 164 -28.72 -16.68 -41.22
CA ALA A 164 -28.34 -18.05 -41.37
C ALA A 164 -29.15 -18.92 -40.45
N CYS A 165 -29.47 -18.43 -39.27
CA CYS A 165 -30.24 -19.23 -38.34
C CYS A 165 -31.57 -19.56 -38.96
N ARG A 166 -32.15 -18.59 -39.63
CA ARG A 166 -33.44 -18.77 -40.29
C ARG A 166 -33.43 -19.82 -41.39
N ARG A 167 -32.40 -19.81 -42.22
CA ARG A 167 -32.26 -20.74 -43.31
C ARG A 167 -31.93 -22.13 -42.81
N GLY A 168 -31.55 -22.24 -41.54
CA GLY A 168 -31.20 -23.52 -41.00
C GLY A 168 -29.79 -23.97 -41.28
N THR A 169 -28.92 -23.05 -41.64
CA THR A 169 -27.53 -23.37 -41.91
C THR A 169 -26.60 -22.97 -40.79
N LEU A 170 -27.15 -22.53 -39.68
CA LEU A 170 -26.35 -22.07 -38.56
C LEU A 170 -25.73 -23.12 -37.67
N CYS A 171 -24.46 -22.90 -37.35
CA CYS A 171 -23.67 -23.78 -36.48
C CYS A 171 -23.05 -22.88 -35.41
N PHE A 172 -23.39 -23.17 -34.17
CA PHE A 172 -22.76 -22.53 -33.04
C PHE A 172 -21.78 -23.55 -32.45
N GLY A 173 -20.69 -23.06 -31.87
CA GLY A 173 -19.68 -23.97 -31.35
C GLY A 173 -18.60 -23.25 -30.61
N THR A 174 -18.17 -23.83 -29.50
CA THR A 174 -16.99 -23.36 -28.75
C THR A 174 -15.77 -23.78 -29.57
N ILE A 175 -14.58 -23.29 -29.22
CA ILE A 175 -13.38 -23.42 -30.07
C ILE A 175 -13.04 -24.87 -30.40
N ASP A 176 -13.20 -25.77 -29.43
CA ASP A 176 -13.02 -27.19 -29.64
C ASP A 176 -13.84 -27.62 -30.89
N THR A 177 -15.12 -27.26 -30.89
CA THR A 177 -16.08 -27.65 -31.92
C THR A 177 -15.65 -27.06 -33.26
N TRP A 178 -15.37 -25.77 -33.28
CA TRP A 178 -14.85 -25.11 -34.46
C TRP A 178 -13.60 -25.78 -35.05
N LEU A 179 -12.63 -26.06 -34.20
CA LEU A 179 -11.36 -26.69 -34.65
C LEU A 179 -11.59 -28.11 -35.19
N MET A 180 -12.35 -28.93 -34.47
CA MET A 180 -12.63 -30.29 -34.96
C MET A 180 -13.43 -30.28 -36.26
N TYR A 181 -14.24 -29.27 -36.46
CA TYR A 181 -14.97 -29.15 -37.70
C TYR A 181 -14.07 -28.85 -38.88
N LYS A 182 -13.22 -27.85 -38.73
CA LYS A 182 -12.29 -27.44 -39.78
C LYS A 182 -11.20 -28.44 -40.03
N LEU A 183 -10.67 -29.01 -38.98
CA LEU A 183 -9.61 -30.00 -39.10
C LEU A 183 -10.20 -31.17 -39.82
N SER A 184 -11.45 -31.40 -39.55
CA SER A 184 -12.24 -32.46 -40.08
C SER A 184 -12.54 -32.28 -41.53
N GLY A 185 -12.57 -31.05 -41.97
CA GLY A 185 -12.93 -30.74 -43.33
C GLY A 185 -14.41 -30.48 -43.42
N GLY A 186 -15.05 -30.35 -42.27
CA GLY A 186 -16.47 -30.12 -42.19
C GLY A 186 -17.23 -31.37 -41.90
N LYS A 187 -16.53 -32.47 -41.67
CA LYS A 187 -17.17 -33.74 -41.39
C LYS A 187 -17.58 -34.02 -39.93
N ALA A 188 -17.19 -33.19 -38.99
CA ALA A 188 -17.54 -33.43 -37.60
C ALA A 188 -18.15 -32.24 -36.91
N PHE A 189 -19.24 -32.45 -36.19
CA PHE A 189 -19.89 -31.39 -35.44
C PHE A 189 -20.10 -31.92 -34.05
N VAL A 190 -19.04 -31.86 -33.28
CA VAL A 190 -18.94 -32.44 -31.94
C VAL A 190 -18.40 -31.46 -30.88
N THR A 191 -18.63 -31.79 -29.63
CA THR A 191 -18.08 -31.03 -28.54
C THR A 191 -17.92 -31.98 -27.39
N ASP A 192 -16.99 -31.67 -26.49
CA ASP A 192 -16.73 -32.55 -25.36
C ASP A 192 -17.53 -32.07 -24.15
N VAL A 193 -17.77 -32.99 -23.22
CA VAL A 193 -18.56 -32.67 -22.05
C VAL A 193 -18.06 -31.45 -21.24
N THR A 194 -16.74 -31.22 -21.20
CA THR A 194 -16.19 -30.17 -20.37
C THR A 194 -16.47 -28.83 -20.99
N ASN A 195 -16.18 -28.68 -22.27
CA ASN A 195 -16.59 -27.45 -23.00
C ASN A 195 -18.10 -27.16 -23.03
N ALA A 196 -18.90 -28.22 -23.21
CA ALA A 196 -20.35 -28.14 -23.20
C ALA A 196 -20.86 -27.63 -21.83
N SER A 197 -20.17 -28.01 -20.75
CA SER A 197 -20.53 -27.53 -19.41
C SER A 197 -20.32 -26.02 -19.22
N ARG A 198 -19.79 -25.32 -20.23
CA ARG A 198 -19.55 -23.91 -20.10
C ARG A 198 -20.44 -23.06 -20.99
N THR A 199 -21.49 -23.68 -21.53
CA THR A 199 -22.40 -23.01 -22.44
C THR A 199 -23.62 -22.41 -21.77
N PHE A 200 -23.97 -22.88 -20.57
CA PHE A 200 -25.22 -22.54 -19.87
C PHE A 200 -26.43 -23.21 -20.59
N LEU A 201 -26.16 -24.23 -21.41
CA LEU A 201 -27.18 -25.00 -22.12
C LEU A 201 -27.13 -26.48 -21.80
N MET A 202 -26.17 -26.96 -21.01
CA MET A 202 -26.07 -28.40 -20.71
C MET A 202 -26.56 -28.63 -19.30
N ASP A 203 -27.15 -29.80 -19.10
CA ASP A 203 -27.66 -30.23 -17.81
C ASP A 203 -26.58 -31.11 -17.22
N LEU A 204 -26.03 -30.70 -16.11
CA LEU A 204 -24.94 -31.42 -15.48
C LEU A 204 -25.30 -32.81 -15.11
N ARG A 205 -26.50 -33.00 -14.62
CA ARG A 205 -26.93 -34.30 -14.20
C ARG A 205 -26.95 -35.27 -15.36
N THR A 206 -27.41 -34.80 -16.51
CA THR A 206 -27.49 -35.67 -17.66
C THR A 206 -26.36 -35.51 -18.65
N ARG A 207 -25.68 -34.39 -18.62
CA ARG A 207 -24.61 -34.17 -19.56
C ARG A 207 -25.16 -34.18 -20.96
N LYS A 208 -26.34 -33.64 -21.11
CA LYS A 208 -27.03 -33.52 -22.39
C LYS A 208 -27.56 -32.13 -22.46
N TRP A 209 -27.74 -31.61 -23.66
CA TRP A 209 -28.38 -30.29 -23.83
C TRP A 209 -29.76 -30.31 -23.19
N SER A 210 -30.13 -29.17 -22.63
CA SER A 210 -31.35 -29.03 -21.91
C SER A 210 -32.38 -28.30 -22.69
N PRO A 211 -33.50 -29.05 -22.93
CA PRO A 211 -34.54 -28.38 -23.70
C PRO A 211 -35.12 -27.18 -22.99
N GLU A 212 -35.32 -27.27 -21.69
CA GLU A 212 -35.92 -26.15 -21.00
C GLU A 212 -35.04 -24.93 -21.20
N LEU A 213 -33.74 -25.09 -21.04
CA LEU A 213 -32.82 -23.99 -21.20
C LEU A 213 -32.72 -23.42 -22.60
N CYS A 214 -32.69 -24.28 -23.59
CA CYS A 214 -32.59 -23.79 -24.93
C CYS A 214 -33.82 -22.98 -25.26
N GLU A 215 -34.98 -23.48 -24.86
CA GLU A 215 -36.21 -22.77 -25.12
C GLU A 215 -36.28 -21.44 -24.42
N LYS A 216 -35.90 -21.40 -23.16
CA LYS A 216 -35.95 -20.14 -22.44
C LYS A 216 -34.96 -19.15 -23.00
N LEU A 217 -33.79 -19.63 -23.37
CA LEU A 217 -32.75 -18.77 -23.93
C LEU A 217 -32.99 -18.51 -25.39
N LYS A 218 -33.86 -19.29 -25.98
CA LYS A 218 -34.13 -19.08 -27.37
C LYS A 218 -33.00 -19.31 -28.29
N ILE A 219 -32.26 -20.37 -28.04
CA ILE A 219 -31.20 -20.84 -28.94
C ILE A 219 -31.74 -22.16 -29.45
N PRO A 220 -31.92 -22.31 -30.78
CA PRO A 220 -32.39 -23.62 -31.28
C PRO A 220 -31.38 -24.72 -31.08
N MET A 221 -31.85 -25.93 -30.75
CA MET A 221 -30.99 -27.05 -30.45
C MET A 221 -30.36 -27.63 -31.71
N GLU A 222 -30.88 -27.26 -32.87
CA GLU A 222 -30.34 -27.69 -34.16
C GLU A 222 -28.92 -27.14 -34.36
N THR A 223 -28.74 -25.87 -33.98
CA THR A 223 -27.45 -25.18 -34.08
C THR A 223 -26.32 -25.75 -33.21
N LEU A 224 -26.66 -26.50 -32.17
CA LEU A 224 -25.69 -27.09 -31.23
C LEU A 224 -25.12 -28.45 -31.67
N PRO A 225 -23.81 -28.66 -31.47
CA PRO A 225 -23.17 -29.93 -31.83
C PRO A 225 -23.48 -31.03 -30.86
N GLU A 226 -23.03 -32.23 -31.18
CA GLU A 226 -23.23 -33.40 -30.35
C GLU A 226 -22.16 -33.47 -29.23
N ILE A 227 -22.61 -33.84 -28.04
CA ILE A 227 -21.82 -33.90 -26.86
C ILE A 227 -21.22 -35.27 -26.74
N ARG A 228 -19.90 -35.34 -26.65
CA ARG A 228 -19.18 -36.59 -26.48
C ARG A 228 -18.23 -36.48 -25.29
N SER A 229 -17.52 -37.54 -24.98
CA SER A 229 -16.56 -37.52 -23.89
C SER A 229 -15.28 -36.71 -24.30
N ASN A 230 -14.28 -36.72 -23.44
CA ASN A 230 -12.98 -36.10 -23.72
C ASN A 230 -12.03 -36.95 -24.49
N SER A 231 -12.23 -38.25 -24.44
CA SER A 231 -11.29 -39.20 -24.99
C SER A 231 -12.08 -40.29 -25.69
N GLU A 232 -12.02 -40.26 -27.01
CA GLU A 232 -12.68 -41.19 -27.94
C GLU A 232 -12.35 -40.68 -29.35
N LEU A 233 -12.86 -41.37 -30.38
CA LEU A 233 -12.70 -40.92 -31.78
C LEU A 233 -13.70 -39.84 -32.18
N PHE A 234 -13.18 -38.67 -32.55
CA PHE A 234 -14.00 -37.53 -32.98
C PHE A 234 -14.05 -37.39 -34.49
N GLY A 235 -13.04 -37.92 -35.19
CA GLY A 235 -12.81 -37.60 -36.60
C GLY A 235 -11.34 -37.76 -36.96
N TYR A 236 -11.01 -37.40 -38.19
CA TYR A 236 -9.66 -37.52 -38.75
C TYR A 236 -9.26 -36.16 -39.30
N VAL A 237 -7.97 -35.86 -39.22
CA VAL A 237 -7.43 -34.67 -39.90
C VAL A 237 -7.48 -34.94 -41.41
N GLU A 238 -8.23 -34.10 -42.09
CA GLU A 238 -8.41 -34.22 -43.53
C GLU A 238 -8.10 -32.96 -44.30
N THR A 239 -7.87 -31.87 -43.61
CA THR A 239 -7.57 -30.64 -44.28
C THR A 239 -6.11 -30.62 -44.65
N ASP A 240 -5.73 -29.75 -45.56
CA ASP A 240 -4.34 -29.62 -45.92
C ASP A 240 -4.08 -28.14 -45.92
N GLU A 241 -4.62 -27.44 -44.95
CA GLU A 241 -4.53 -26.01 -44.93
C GLU A 241 -3.17 -25.37 -44.94
N CYS A 242 -2.24 -25.83 -44.13
CA CYS A 242 -0.92 -25.22 -44.17
C CYS A 242 0.04 -26.31 -44.43
N GLY A 243 -0.38 -27.26 -45.24
CA GLY A 243 0.42 -28.42 -45.57
C GLY A 243 0.43 -29.36 -44.40
N VAL A 244 -0.50 -29.17 -43.50
CA VAL A 244 -0.59 -29.98 -42.31
C VAL A 244 -0.79 -31.42 -42.67
N ALA A 245 -1.64 -31.69 -43.65
CA ALA A 245 -1.86 -33.05 -44.08
C ALA A 245 -0.57 -33.60 -44.62
N ALA A 246 0.17 -32.76 -45.33
CA ALA A 246 1.43 -33.19 -45.90
C ALA A 246 2.43 -33.57 -44.83
N ALA A 247 2.46 -32.77 -43.78
CA ALA A 247 3.35 -32.96 -42.63
C ALA A 247 3.00 -34.18 -41.77
N LEU A 248 1.72 -34.42 -41.54
CA LEU A 248 1.26 -35.54 -40.76
C LEU A 248 1.61 -36.81 -41.47
N ASN A 249 1.53 -36.75 -42.78
CA ASN A 249 1.86 -37.86 -43.64
C ASN A 249 0.86 -38.98 -43.68
N GLU A 250 0.52 -39.54 -42.55
CA GLU A 250 -0.42 -40.63 -42.51
C GLU A 250 -1.73 -40.08 -42.05
N ARG A 251 -2.75 -40.92 -42.02
CA ARG A 251 -4.03 -40.47 -41.55
C ARG A 251 -3.88 -40.34 -40.07
N THR A 252 -4.36 -39.25 -39.51
CA THR A 252 -4.24 -39.07 -38.08
C THR A 252 -5.59 -38.76 -37.47
N PRO A 253 -5.98 -39.55 -36.49
CA PRO A 253 -7.25 -39.33 -35.83
C PRO A 253 -7.16 -38.26 -34.75
N ILE A 254 -8.27 -37.57 -34.52
CA ILE A 254 -8.43 -36.60 -33.47
C ILE A 254 -9.15 -37.36 -32.38
N MET A 255 -8.46 -37.65 -31.28
CA MET A 255 -8.98 -38.51 -30.23
C MET A 255 -9.09 -37.93 -28.82
N GLY A 256 -8.88 -36.62 -28.67
CA GLY A 256 -8.96 -35.93 -27.38
C GLY A 256 -9.44 -34.52 -27.59
N SER A 257 -10.31 -34.08 -26.69
CA SER A 257 -10.87 -32.73 -26.74
C SER A 257 -11.28 -32.39 -25.32
N ILE A 258 -10.84 -31.25 -24.81
CA ILE A 258 -11.07 -30.94 -23.38
C ILE A 258 -10.77 -29.48 -23.13
N GLY A 259 -11.62 -28.81 -22.34
CA GLY A 259 -11.42 -27.39 -22.02
C GLY A 259 -10.12 -27.14 -21.26
N ASP A 260 -9.52 -25.96 -21.46
CA ASP A 260 -8.17 -25.64 -20.94
C ASP A 260 -7.98 -25.93 -19.46
N GLN A 261 -8.85 -25.43 -18.59
CA GLN A 261 -8.66 -25.64 -17.16
C GLN A 261 -8.76 -27.10 -16.77
N GLN A 262 -9.76 -27.78 -17.30
CA GLN A 262 -9.96 -29.21 -17.10
C GLN A 262 -8.83 -30.01 -17.68
N SER A 263 -8.29 -29.53 -18.80
CA SER A 263 -7.14 -30.16 -19.38
C SER A 263 -6.00 -30.17 -18.38
N ALA A 264 -5.81 -29.02 -17.71
CA ALA A 264 -4.77 -28.89 -16.68
C ALA A 264 -5.06 -29.77 -15.47
N LEU A 265 -6.33 -29.96 -15.11
CA LEU A 265 -6.71 -30.92 -14.06
C LEU A 265 -6.32 -32.37 -14.42
N PHE A 266 -6.52 -32.70 -15.68
CA PHE A 266 -6.18 -34.01 -16.20
C PHE A 266 -4.68 -34.23 -16.36
N GLY A 267 -4.01 -33.28 -16.98
CA GLY A 267 -2.56 -33.34 -17.15
C GLY A 267 -1.79 -33.29 -15.85
N ASN A 268 -2.43 -32.80 -14.78
CA ASN A 268 -1.85 -32.85 -13.43
C ASN A 268 -2.22 -34.11 -12.64
N MET A 269 -2.89 -35.08 -13.28
CA MET A 269 -3.19 -36.38 -12.66
C MET A 269 -4.19 -36.28 -11.48
N CYS A 270 -5.10 -35.33 -11.50
CA CYS A 270 -6.08 -35.19 -10.42
C CYS A 270 -7.26 -36.11 -10.68
N PHE A 271 -6.99 -37.42 -10.67
CA PHE A 271 -7.93 -38.42 -11.10
C PHE A 271 -8.91 -38.86 -10.02
N GLU A 272 -8.57 -38.62 -8.74
CA GLU A 272 -9.37 -39.05 -7.61
C GLU A 272 -9.98 -37.87 -6.87
N LYS A 273 -11.11 -38.10 -6.21
CA LYS A 273 -11.81 -37.02 -5.50
C LYS A 273 -10.92 -36.47 -4.37
N GLY A 274 -10.94 -35.15 -4.19
CA GLY A 274 -10.05 -34.48 -3.28
C GLY A 274 -8.73 -34.01 -3.89
N GLU A 275 -8.38 -34.47 -5.10
CA GLU A 275 -7.18 -33.99 -5.82
C GLU A 275 -7.53 -32.74 -6.64
N ALA A 276 -6.72 -31.70 -6.48
CA ALA A 276 -6.96 -30.40 -7.06
C ALA A 276 -5.71 -29.86 -7.78
N LYS A 277 -5.94 -28.96 -8.74
CA LYS A 277 -4.89 -28.20 -9.37
C LYS A 277 -5.18 -26.72 -9.21
N ASN A 278 -4.14 -25.93 -9.01
CA ASN A 278 -4.20 -24.49 -9.21
C ASN A 278 -3.23 -24.08 -10.28
N THR A 279 -3.68 -23.22 -11.20
CA THR A 279 -2.81 -22.57 -12.17
C THR A 279 -2.55 -21.12 -11.77
N TYR A 280 -1.27 -20.82 -11.48
CA TYR A 280 -0.84 -19.50 -11.02
C TYR A 280 -0.30 -18.75 -12.22
N GLY A 281 -1.22 -18.07 -12.92
CA GLY A 281 -0.89 -17.14 -14.00
C GLY A 281 -1.22 -15.70 -13.69
N THR A 282 -1.63 -14.95 -14.69
CA THR A 282 -2.14 -13.57 -14.52
C THR A 282 -3.09 -13.56 -13.34
N GLY A 283 -4.11 -14.44 -13.40
CA GLY A 283 -4.95 -14.81 -12.25
C GLY A 283 -4.80 -16.29 -11.90
N CYS A 284 -5.63 -16.77 -10.99
CA CYS A 284 -5.62 -18.19 -10.61
C CYS A 284 -6.94 -18.86 -11.00
N PHE A 285 -6.82 -20.10 -11.48
CA PHE A 285 -7.94 -21.01 -11.65
C PHE A 285 -7.61 -22.24 -10.84
N LEU A 286 -8.37 -22.45 -9.77
CA LEU A 286 -8.30 -23.65 -9.00
C LEU A 286 -9.50 -24.56 -9.34
N LEU A 287 -9.20 -25.80 -9.78
CA LEU A 287 -10.20 -26.87 -9.90
C LEU A 287 -9.91 -28.07 -9.00
N MET A 288 -10.91 -28.50 -8.23
CA MET A 288 -10.86 -29.76 -7.52
C MET A 288 -11.83 -30.84 -8.12
N ASN A 289 -11.28 -32.01 -8.42
CA ASN A 289 -12.08 -33.23 -8.64
C ASN A 289 -12.91 -33.52 -7.39
N VAL A 290 -14.23 -33.47 -7.53
CA VAL A 290 -15.11 -33.76 -6.41
C VAL A 290 -15.73 -35.14 -6.51
N GLY A 291 -15.30 -35.94 -7.46
CA GLY A 291 -15.84 -37.27 -7.62
C GLY A 291 -16.88 -37.45 -8.69
N GLU A 292 -17.50 -38.62 -8.72
CA GLU A 292 -18.49 -38.99 -9.70
C GLU A 292 -19.84 -38.35 -9.59
N GLU A 293 -20.10 -37.67 -8.50
CA GLU A 293 -21.37 -37.01 -8.33
C GLU A 293 -21.18 -35.52 -8.26
N ALA A 294 -21.99 -34.79 -9.00
CA ALA A 294 -21.88 -33.35 -9.02
C ALA A 294 -22.14 -32.74 -7.68
N ARG A 295 -21.40 -31.69 -7.38
CA ARG A 295 -21.55 -30.98 -6.14
C ARG A 295 -21.88 -29.57 -6.51
N PHE A 296 -22.86 -28.99 -5.85
CA PHE A 296 -23.26 -27.64 -6.15
C PHE A 296 -22.78 -26.74 -5.07
N SER A 297 -22.59 -25.48 -5.40
CA SER A 297 -22.04 -24.55 -4.44
C SER A 297 -22.91 -23.48 -3.86
N LYS A 298 -22.86 -23.35 -2.55
CA LYS A 298 -23.54 -22.27 -1.86
C LYS A 298 -22.56 -21.15 -1.49
N HIS A 299 -21.51 -20.97 -2.30
CA HIS A 299 -20.57 -19.84 -2.16
C HIS A 299 -20.22 -19.19 -3.51
N GLY A 300 -21.06 -19.37 -4.53
CA GLY A 300 -20.76 -18.85 -5.88
C GLY A 300 -19.66 -19.56 -6.68
N LEU A 301 -18.97 -20.57 -6.11
CA LEU A 301 -18.09 -21.42 -6.89
C LEU A 301 -18.85 -22.05 -8.06
N LEU A 302 -18.18 -22.31 -9.17
CA LEU A 302 -18.81 -22.97 -10.31
C LEU A 302 -18.70 -24.50 -10.21
N SER A 303 -19.78 -25.20 -10.56
CA SER A 303 -19.75 -26.66 -10.67
C SER A 303 -19.62 -26.98 -12.12
N THR A 304 -18.74 -27.92 -12.46
CA THR A 304 -18.46 -28.19 -13.86
C THR A 304 -18.12 -29.64 -14.03
N VAL A 305 -17.94 -30.09 -15.27
CA VAL A 305 -17.46 -31.44 -15.52
C VAL A 305 -15.94 -31.35 -15.47
N GLY A 306 -15.31 -32.26 -14.73
CA GLY A 306 -13.86 -32.33 -14.62
C GLY A 306 -13.31 -33.03 -15.84
N PHE A 307 -13.64 -34.32 -15.99
CA PHE A 307 -13.33 -35.07 -17.23
C PHE A 307 -14.18 -36.35 -17.37
N GLN A 308 -14.04 -36.99 -18.52
CA GLN A 308 -14.75 -38.22 -18.84
C GLN A 308 -13.96 -38.99 -19.91
N VAL A 309 -13.45 -40.15 -19.54
CA VAL A 309 -12.71 -40.90 -20.49
C VAL A 309 -13.53 -41.99 -21.09
N GLY A 310 -13.75 -41.88 -22.38
CA GLY A 310 -14.52 -42.82 -23.15
C GLY A 310 -15.96 -42.44 -23.32
N ARG A 311 -16.54 -42.90 -24.40
CA ARG A 311 -17.92 -42.59 -24.67
C ARG A 311 -18.69 -43.20 -23.55
N ASP A 312 -19.50 -42.37 -22.91
CA ASP A 312 -20.32 -42.79 -21.81
C ASP A 312 -19.53 -43.58 -20.76
N GLY A 313 -18.32 -43.10 -20.48
CA GLY A 313 -17.42 -43.66 -19.49
C GLY A 313 -17.69 -42.94 -18.21
N PRO A 314 -16.96 -43.34 -17.10
CA PRO A 314 -17.27 -42.62 -15.87
C PRO A 314 -16.92 -41.16 -16.00
N CYS A 315 -17.76 -40.32 -15.42
CA CYS A 315 -17.57 -38.90 -15.50
C CYS A 315 -17.26 -38.29 -14.16
N TYR A 316 -16.14 -37.59 -14.07
CA TYR A 316 -15.69 -36.95 -12.84
C TYR A 316 -16.02 -35.46 -12.91
N TYR A 317 -16.71 -35.00 -11.88
CA TYR A 317 -17.15 -33.61 -11.75
C TYR A 317 -16.13 -32.80 -10.94
N ALA A 318 -16.23 -31.48 -11.05
CA ALA A 318 -15.29 -30.60 -10.40
C ALA A 318 -15.97 -29.33 -9.91
N LEU A 319 -15.31 -28.67 -8.96
CA LEU A 319 -15.65 -27.30 -8.54
C LEU A 319 -14.54 -26.44 -9.00
N GLU A 320 -14.87 -25.21 -9.38
CA GLU A 320 -13.91 -24.27 -9.94
C GLU A 320 -14.02 -22.93 -9.23
N GLY A 321 -12.86 -22.40 -8.80
CA GLY A 321 -12.77 -21.01 -8.33
C GLY A 321 -11.63 -20.31 -9.02
N ALA A 322 -11.65 -18.98 -9.02
CA ALA A 322 -10.59 -18.24 -9.65
C ALA A 322 -10.27 -16.97 -8.90
N ILE A 323 -9.07 -16.44 -9.07
CA ILE A 323 -8.73 -15.16 -8.48
C ILE A 323 -8.26 -14.33 -9.66
N ALA A 324 -8.76 -13.11 -9.74
CA ALA A 324 -8.43 -12.24 -10.85
C ALA A 324 -7.00 -11.76 -10.97
N CYS A 325 -6.37 -11.42 -9.86
CA CYS A 325 -5.01 -10.93 -9.94
C CYS A 325 -3.99 -11.69 -9.14
N ALA A 326 -3.07 -12.33 -9.82
CA ALA A 326 -2.03 -13.06 -9.18
C ALA A 326 -0.77 -12.57 -9.78
N GLY A 327 -0.46 -13.08 -10.95
CA GLY A 327 0.72 -12.67 -11.67
C GLY A 327 0.59 -11.21 -11.99
N ALA A 328 -0.64 -10.79 -12.18
CA ALA A 328 -0.91 -9.41 -12.49
C ALA A 328 -0.44 -8.55 -11.35
N THR A 329 -0.64 -9.00 -10.13
CA THR A 329 -0.18 -8.25 -8.98
C THR A 329 1.32 -8.16 -8.98
N VAL A 330 1.96 -9.26 -9.32
CA VAL A 330 3.42 -9.26 -9.41
C VAL A 330 3.89 -8.21 -10.43
N GLU A 331 3.19 -8.14 -11.56
CA GLU A 331 3.55 -7.24 -12.65
C GLU A 331 3.30 -5.78 -12.30
N TRP A 332 2.17 -5.50 -11.63
CA TRP A 332 1.86 -4.15 -11.15
C TRP A 332 2.94 -3.64 -10.20
N MET A 333 3.38 -4.49 -9.28
CA MET A 333 4.37 -4.12 -8.31
C MET A 333 5.65 -3.63 -8.99
N ARG A 334 6.03 -4.31 -10.05
CA ARG A 334 7.19 -3.93 -10.80
C ARG A 334 6.91 -2.85 -11.84
N ARG A 335 5.90 -3.01 -12.67
CA ARG A 335 5.61 -1.99 -13.67
C ARG A 335 5.07 -0.69 -13.16
N ASN A 336 4.15 -0.74 -12.22
CA ASN A 336 3.57 0.48 -11.71
C ASN A 336 4.17 1.10 -10.50
N MET A 337 4.68 0.30 -9.59
CA MET A 337 5.24 0.84 -8.37
C MET A 337 6.76 0.86 -8.25
N ASN A 338 7.45 0.26 -9.19
CA ASN A 338 8.90 0.20 -9.15
C ASN A 338 9.45 -0.48 -7.87
N LEU A 339 8.76 -1.51 -7.38
CA LEU A 339 9.22 -2.21 -6.17
C LEU A 339 10.37 -3.19 -6.43
N PHE A 340 10.51 -3.63 -7.68
CA PHE A 340 11.68 -4.41 -8.11
C PHE A 340 11.86 -4.32 -9.64
N SER A 341 12.99 -4.83 -10.14
CA SER A 341 13.31 -4.85 -11.58
C SER A 341 13.16 -6.23 -12.20
N HIS A 342 14.04 -7.18 -11.87
CA HIS A 342 13.99 -8.51 -12.47
C HIS A 342 13.09 -9.36 -11.59
N ILE A 343 12.28 -10.21 -12.22
CA ILE A 343 11.28 -11.00 -11.47
C ILE A 343 11.89 -11.94 -10.41
N THR A 344 13.18 -12.23 -10.52
CA THR A 344 13.89 -12.98 -9.49
C THR A 344 13.93 -12.23 -8.17
N GLU A 345 14.00 -10.90 -8.21
CA GLU A 345 13.99 -10.06 -7.00
C GLU A 345 12.69 -10.13 -6.21
N CYS A 346 11.59 -10.47 -6.88
CA CYS A 346 10.30 -10.58 -6.21
C CYS A 346 10.41 -11.58 -5.06
N GLU A 347 10.75 -12.83 -5.36
CA GLU A 347 10.93 -13.86 -4.31
C GLU A 347 12.12 -13.55 -3.36
N LYS A 348 13.21 -13.03 -3.91
CA LYS A 348 14.41 -12.63 -3.13
C LYS A 348 14.03 -11.60 -2.03
N LEU A 349 13.34 -10.53 -2.42
CA LEU A 349 12.88 -9.50 -1.48
C LEU A 349 11.86 -10.00 -0.44
N ALA A 350 10.92 -10.85 -0.84
CA ALA A 350 9.92 -11.41 0.09
C ALA A 350 10.56 -12.37 1.13
N ARG A 351 11.59 -13.09 0.70
CA ARG A 351 12.38 -13.95 1.58
C ARG A 351 13.24 -13.18 2.57
N SER A 352 13.62 -11.95 2.20
CA SER A 352 14.54 -11.14 2.99
C SER A 352 13.94 -10.55 4.27
N VAL A 353 12.63 -10.73 4.49
CA VAL A 353 12.02 -10.45 5.78
C VAL A 353 11.35 -11.73 6.30
N PRO A 354 11.25 -11.88 7.63
CA PRO A 354 10.66 -13.10 8.20
C PRO A 354 9.11 -13.16 8.13
N GLY A 355 8.44 -12.02 8.13
CA GLY A 355 6.99 -11.96 7.86
C GLY A 355 6.60 -10.60 7.34
N THR A 356 5.32 -10.26 7.45
CA THR A 356 4.81 -8.97 7.00
C THR A 356 4.60 -8.02 8.16
N GLN A 357 4.80 -8.52 9.38
CA GLN A 357 4.77 -7.72 10.61
C GLN A 357 3.54 -6.84 10.70
N GLY A 358 2.40 -7.48 10.43
CA GLY A 358 1.11 -6.87 10.61
C GLY A 358 0.47 -6.19 9.44
N ILE A 359 1.17 -6.01 8.31
CA ILE A 359 0.49 -5.42 7.14
C ILE A 359 -0.28 -6.48 6.36
N VAL A 360 -1.34 -6.05 5.71
CA VAL A 360 -2.06 -6.89 4.75
C VAL A 360 -2.24 -6.05 3.48
N PHE A 361 -1.93 -6.67 2.35
CA PHE A 361 -2.10 -6.12 1.03
C PHE A 361 -3.17 -6.98 0.35
N VAL A 362 -4.38 -6.44 0.24
CA VAL A 362 -5.47 -7.13 -0.48
C VAL A 362 -5.49 -6.65 -1.93
N PRO A 363 -4.98 -7.48 -2.90
CA PRO A 363 -4.88 -6.93 -4.27
C PRO A 363 -6.17 -7.15 -5.06
N ALA A 364 -7.25 -6.52 -4.61
CA ALA A 364 -8.56 -6.61 -5.28
C ALA A 364 -8.69 -5.56 -6.36
N PHE A 365 -7.61 -5.31 -7.09
CA PHE A 365 -7.56 -4.27 -8.13
C PHE A 365 -8.79 -4.25 -9.05
N SER A 366 -9.33 -5.42 -9.37
CA SER A 366 -10.52 -5.51 -10.22
C SER A 366 -11.67 -6.20 -9.49
N GLY A 367 -11.78 -5.93 -8.19
CA GLY A 367 -12.78 -6.56 -7.35
C GLY A 367 -12.42 -7.94 -6.86
N LEU A 368 -13.18 -8.40 -5.89
CA LEU A 368 -13.03 -9.71 -5.30
C LEU A 368 -13.95 -10.69 -5.96
N LEU A 369 -13.38 -11.82 -6.35
CA LEU A 369 -14.11 -12.90 -6.99
C LEU A 369 -14.21 -13.97 -5.94
N ALA A 370 -14.02 -15.22 -6.33
CA ALA A 370 -13.98 -16.35 -5.45
C ALA A 370 -15.20 -16.50 -4.59
N PRO A 371 -15.01 -16.78 -3.31
CA PRO A 371 -16.10 -17.01 -2.39
C PRO A 371 -16.71 -15.75 -1.85
N TYR A 372 -16.12 -14.60 -2.13
CA TYR A 372 -16.70 -13.36 -1.68
C TYR A 372 -16.74 -12.37 -2.81
N TRP A 373 -17.56 -12.64 -3.81
CA TRP A 373 -17.63 -11.76 -4.94
C TRP A 373 -18.08 -10.41 -4.46
N ASP A 374 -17.37 -9.37 -4.86
CA ASP A 374 -17.74 -8.02 -4.48
C ASP A 374 -17.05 -7.08 -5.44
N PRO A 375 -17.74 -6.66 -6.49
CA PRO A 375 -17.07 -5.78 -7.45
C PRO A 375 -16.69 -4.44 -6.86
N SER A 376 -17.24 -4.10 -5.71
CA SER A 376 -16.94 -2.85 -5.04
C SER A 376 -15.51 -2.80 -4.46
N ALA A 377 -14.95 -3.95 -4.17
CA ALA A 377 -13.64 -4.03 -3.57
C ALA A 377 -12.53 -3.49 -4.41
N ARG A 378 -11.55 -2.89 -3.77
CA ARG A 378 -10.41 -2.36 -4.52
C ARG A 378 -9.11 -2.73 -3.84
N GLY A 379 -8.01 -2.46 -4.53
CA GLY A 379 -6.71 -2.76 -3.99
C GLY A 379 -6.47 -1.93 -2.75
N THR A 380 -6.09 -2.61 -1.67
CA THR A 380 -5.89 -1.94 -0.40
C THR A 380 -4.74 -2.49 0.39
N ILE A 381 -4.07 -1.59 1.10
CA ILE A 381 -3.00 -1.93 2.06
C ILE A 381 -3.35 -1.27 3.37
N VAL A 382 -3.23 -2.04 4.44
CA VAL A 382 -3.50 -1.57 5.79
C VAL A 382 -2.38 -2.07 6.68
N GLY A 383 -2.18 -1.35 7.78
CA GLY A 383 -1.27 -1.76 8.82
C GLY A 383 0.15 -1.26 8.71
N MET A 384 0.46 -0.39 7.77
CA MET A 384 1.81 0.09 7.60
C MET A 384 2.39 1.02 8.66
N THR A 385 3.69 0.89 8.88
CA THR A 385 4.45 1.69 9.81
C THR A 385 5.70 2.11 9.12
N LEU A 386 6.47 2.96 9.77
CA LEU A 386 7.69 3.46 9.20
C LEU A 386 8.69 2.33 9.02
N LYS A 387 8.48 1.22 9.69
CA LYS A 387 9.37 0.09 9.54
C LYS A 387 9.02 -0.77 8.33
N THR A 388 7.85 -0.55 7.76
CA THR A 388 7.40 -1.30 6.59
C THR A 388 8.17 -0.91 5.36
N THR A 389 8.51 -1.89 4.54
CA THR A 389 9.28 -1.67 3.33
C THR A 389 8.73 -2.47 2.21
N ARG A 390 9.22 -2.22 1.01
CA ARG A 390 8.79 -2.98 -0.15
C ARG A 390 8.90 -4.49 0.04
N ALA A 391 9.91 -4.92 0.79
CA ALA A 391 10.09 -6.32 1.05
C ALA A 391 8.84 -6.92 1.70
N HIS A 392 8.29 -6.22 2.69
CA HIS A 392 7.08 -6.66 3.38
C HIS A 392 5.87 -6.63 2.44
N VAL A 393 5.78 -5.58 1.64
CA VAL A 393 4.67 -5.37 0.75
C VAL A 393 4.65 -6.44 -0.33
N ILE A 394 5.82 -6.78 -0.86
CA ILE A 394 5.91 -7.87 -1.84
C ILE A 394 5.51 -9.17 -1.19
N ARG A 395 6.05 -9.44 0.00
CA ARG A 395 5.68 -10.65 0.73
C ARG A 395 4.16 -10.75 1.00
N ALA A 396 3.54 -9.64 1.43
CA ALA A 396 2.07 -9.56 1.65
C ALA A 396 1.23 -9.87 0.40
N ALA A 397 1.71 -9.47 -0.77
CA ALA A 397 1.04 -9.74 -2.04
C ALA A 397 1.02 -11.24 -2.28
N LEU A 398 2.17 -11.87 -2.04
CA LEU A 398 2.27 -13.31 -2.16
C LEU A 398 1.34 -14.02 -1.17
N GLN A 399 1.39 -13.63 0.09
CA GLN A 399 0.47 -14.17 1.11
C GLN A 399 -0.98 -14.05 0.70
N ALA A 400 -1.35 -12.87 0.20
CA ALA A 400 -2.70 -12.58 -0.24
C ALA A 400 -3.23 -13.50 -1.32
N ILE A 401 -2.36 -13.85 -2.26
CA ILE A 401 -2.71 -14.82 -3.27
C ILE A 401 -2.97 -16.18 -2.63
N ALA A 402 -2.07 -16.60 -1.74
CA ALA A 402 -2.25 -17.86 -0.98
C ALA A 402 -3.47 -17.87 -0.04
N LEU A 403 -3.82 -16.71 0.49
CA LEU A 403 -4.99 -16.59 1.37
C LEU A 403 -6.32 -16.68 0.62
N GLN A 404 -6.39 -16.07 -0.56
CA GLN A 404 -7.58 -16.18 -1.39
C GLN A 404 -7.84 -17.63 -1.77
N LEU A 405 -6.79 -18.34 -2.19
CA LEU A 405 -6.92 -19.72 -2.59
C LEU A 405 -7.27 -20.59 -1.41
N ASN A 406 -6.74 -20.25 -0.24
CA ASN A 406 -7.13 -20.92 1.01
C ASN A 406 -8.64 -20.82 1.26
N ASP A 407 -9.22 -19.65 1.07
CA ASP A 407 -10.66 -19.44 1.17
C ASP A 407 -11.47 -20.17 0.09
N VAL A 408 -10.93 -20.24 -1.13
CA VAL A 408 -11.55 -20.95 -2.23
C VAL A 408 -11.62 -22.44 -1.93
N VAL A 409 -10.50 -23.00 -1.52
CA VAL A 409 -10.38 -24.41 -1.12
C VAL A 409 -11.30 -24.72 0.08
N GLY A 410 -11.33 -23.82 1.05
CA GLY A 410 -12.23 -23.92 2.17
C GLY A 410 -13.67 -24.07 1.74
N SER A 411 -14.09 -23.19 0.84
CA SER A 411 -15.45 -23.27 0.30
C SER A 411 -15.71 -24.58 -0.44
N MET A 412 -14.71 -25.04 -1.21
CA MET A 412 -14.84 -26.29 -1.95
C MET A 412 -15.05 -27.47 -1.03
N LYS A 413 -14.26 -27.54 0.03
CA LYS A 413 -14.37 -28.61 1.01
C LYS A 413 -15.74 -28.67 1.65
N ARG A 414 -16.37 -27.52 1.89
CA ARG A 414 -17.68 -27.50 2.55
C ARG A 414 -18.77 -27.92 1.54
N ASP A 415 -18.74 -27.34 0.33
CA ASP A 415 -19.64 -27.73 -0.75
C ASP A 415 -19.53 -29.24 -1.08
N ALA A 416 -18.30 -29.73 -1.19
CA ALA A 416 -18.05 -31.10 -1.65
C ALA A 416 -18.05 -32.16 -0.54
N GLY A 417 -17.95 -31.76 0.72
CA GLY A 417 -17.84 -32.74 1.79
C GLY A 417 -16.61 -33.65 1.66
N LEU A 418 -15.50 -33.10 1.20
CA LEU A 418 -14.26 -33.84 1.21
C LEU A 418 -13.05 -32.97 1.48
N ASN A 419 -12.00 -33.61 1.96
CA ASN A 419 -10.73 -32.96 2.23
C ASN A 419 -9.98 -32.74 0.93
N LEU A 420 -9.05 -31.79 0.96
CA LEU A 420 -8.05 -31.64 -0.08
C LEU A 420 -6.92 -32.61 0.22
N SER A 421 -6.61 -33.46 -0.76
CA SER A 421 -5.59 -34.48 -0.63
C SER A 421 -4.18 -33.91 -0.91
N SER A 422 -4.08 -33.17 -2.01
CA SER A 422 -2.84 -32.53 -2.41
C SER A 422 -3.19 -31.54 -3.51
N LEU A 423 -2.30 -30.58 -3.74
CA LEU A 423 -2.51 -29.53 -4.74
C LEU A 423 -1.35 -29.57 -5.73
N ARG A 424 -1.65 -29.84 -7.00
CA ARG A 424 -0.65 -29.72 -8.06
C ARG A 424 -0.72 -28.29 -8.55
N VAL A 425 0.41 -27.76 -8.98
CA VAL A 425 0.54 -26.34 -9.32
C VAL A 425 1.24 -26.22 -10.68
N ASP A 426 1.01 -25.11 -11.37
CA ASP A 426 1.65 -24.81 -12.68
C ASP A 426 1.36 -23.35 -12.95
N GLY A 427 1.74 -22.87 -14.11
CA GLY A 427 1.71 -21.44 -14.39
C GLY A 427 3.07 -20.88 -14.01
N GLY A 428 3.41 -19.74 -14.61
CA GLY A 428 4.65 -19.01 -14.32
C GLY A 428 4.92 -18.77 -12.85
N LEU A 429 3.90 -18.40 -12.08
CA LEU A 429 4.07 -18.03 -10.67
C LEU A 429 4.32 -19.22 -9.77
N SER A 430 4.04 -20.43 -10.25
CA SER A 430 4.47 -21.63 -9.53
C SER A 430 6.02 -21.81 -9.50
N LYS A 431 6.77 -21.02 -10.25
CA LYS A 431 8.23 -20.93 -10.06
C LYS A 431 8.62 -20.17 -8.78
N ASN A 432 7.71 -19.39 -8.19
CA ASN A 432 8.00 -18.66 -6.95
C ASN A 432 8.00 -19.63 -5.75
N GLY A 433 9.18 -20.11 -5.39
CA GLY A 433 9.32 -21.12 -4.35
C GLY A 433 8.67 -20.73 -3.04
N LEU A 434 8.81 -19.46 -2.65
CA LEU A 434 8.25 -18.99 -1.39
C LEU A 434 6.71 -18.99 -1.43
N LEU A 435 6.13 -18.51 -2.54
CA LEU A 435 4.66 -18.56 -2.72
C LEU A 435 4.15 -19.98 -2.51
N MET A 436 4.82 -20.94 -3.14
CA MET A 436 4.50 -22.37 -2.94
C MET A 436 4.60 -22.83 -1.47
N GLU A 437 5.63 -22.38 -0.77
CA GLU A 437 5.77 -22.69 0.68
C GLU A 437 4.70 -22.06 1.55
N ILE A 438 4.38 -20.79 1.33
CA ILE A 438 3.29 -20.12 2.05
C ILE A 438 1.97 -20.89 1.82
N GLN A 439 1.75 -21.35 0.59
CA GLN A 439 0.51 -22.05 0.22
C GLN A 439 0.40 -23.45 0.88
N ALA A 440 1.50 -24.21 0.89
CA ALA A 440 1.53 -25.50 1.59
C ALA A 440 1.24 -25.33 3.09
N SER A 441 1.81 -24.28 3.67
CA SER A 441 1.68 -24.01 5.10
C SER A 441 0.28 -23.56 5.45
N LEU A 442 -0.35 -22.78 4.59
CA LEU A 442 -1.74 -22.39 4.82
C LEU A 442 -2.69 -23.56 4.67
N LEU A 443 -2.55 -24.33 3.60
CA LEU A 443 -3.49 -25.42 3.35
C LEU A 443 -3.21 -26.66 4.18
N GLY A 444 -1.98 -26.80 4.66
CA GLY A 444 -1.58 -28.02 5.36
C GLY A 444 -1.53 -29.27 4.48
N VAL A 445 -1.18 -29.13 3.21
CA VAL A 445 -1.03 -30.30 2.33
C VAL A 445 0.22 -30.12 1.50
N ASP A 446 0.68 -31.23 0.93
CA ASP A 446 1.77 -31.16 -0.01
C ASP A 446 1.32 -30.47 -1.29
N ILE A 447 2.26 -29.70 -1.84
CA ILE A 447 2.13 -29.08 -3.11
C ILE A 447 3.12 -29.74 -4.09
N LEU A 448 2.60 -30.27 -5.18
CA LEU A 448 3.40 -30.97 -6.15
C LEU A 448 3.61 -30.03 -7.30
N VAL A 449 4.87 -29.87 -7.69
CA VAL A 449 5.28 -28.97 -8.77
C VAL A 449 5.91 -29.86 -9.85
N PRO A 450 5.23 -30.06 -10.99
CA PRO A 450 5.81 -30.75 -12.14
C PRO A 450 6.97 -30.01 -12.71
N SER A 451 8.03 -30.74 -13.05
CA SER A 451 9.15 -30.19 -13.78
C SER A 451 8.75 -30.09 -15.25
N MET A 452 8.01 -31.08 -15.76
CA MET A 452 7.41 -30.96 -17.10
C MET A 452 6.14 -30.13 -16.92
N HIS A 453 6.26 -28.83 -17.18
CA HIS A 453 5.19 -27.87 -16.77
C HIS A 453 4.08 -27.60 -17.83
N GLU A 454 4.21 -28.18 -19.01
CA GLU A 454 3.21 -28.10 -20.10
C GLU A 454 1.95 -28.95 -19.79
N THR A 455 1.28 -28.65 -18.68
CA THR A 455 0.25 -29.52 -18.11
C THR A 455 -1.05 -29.44 -18.90
N THR A 456 -1.37 -28.25 -19.35
CA THR A 456 -2.52 -28.00 -20.18
C THR A 456 -2.43 -28.78 -21.46
N ALA A 457 -1.29 -28.72 -22.13
CA ALA A 457 -1.16 -29.43 -23.40
C ALA A 457 -1.17 -30.92 -23.14
N LEU A 458 -0.66 -31.32 -21.98
CA LEU A 458 -0.51 -32.73 -21.66
C LEU A 458 -1.85 -33.40 -21.44
N GLY A 459 -2.78 -32.70 -20.77
CA GLY A 459 -4.17 -33.17 -20.63
C GLY A 459 -4.77 -33.69 -21.92
N ALA A 460 -4.68 -32.88 -22.97
CA ALA A 460 -5.26 -33.22 -24.25
C ALA A 460 -4.53 -34.37 -24.93
N ALA A 461 -3.22 -34.40 -24.75
CA ALA A 461 -2.38 -35.44 -25.32
C ALA A 461 -2.66 -36.78 -24.62
N LEU A 462 -2.96 -36.75 -23.33
CA LEU A 462 -3.30 -37.96 -22.57
C LEU A 462 -4.69 -38.50 -22.99
N CYS A 463 -5.66 -37.63 -23.17
CA CYS A 463 -6.99 -38.00 -23.67
C CYS A 463 -6.83 -38.70 -25.02
N ALA A 464 -6.24 -38.00 -25.99
CA ALA A 464 -5.89 -38.63 -27.26
C ALA A 464 -5.20 -39.98 -27.10
N GLY A 465 -4.18 -40.03 -26.25
CA GLY A 465 -3.28 -41.19 -26.20
C GLY A 465 -3.90 -42.37 -25.48
N LEU A 466 -4.73 -42.08 -24.47
CA LEU A 466 -5.58 -43.09 -23.83
C LEU A 466 -6.51 -43.76 -24.86
N ALA A 467 -7.18 -42.95 -25.66
CA ALA A 467 -8.06 -43.48 -26.73
C ALA A 467 -7.31 -44.21 -27.83
N ALA A 468 -6.03 -43.90 -28.04
CA ALA A 468 -5.24 -44.58 -29.07
C ALA A 468 -4.45 -45.75 -28.55
N GLY A 469 -4.53 -46.07 -27.25
CA GLY A 469 -3.71 -47.14 -26.69
C GLY A 469 -2.21 -46.85 -26.55
N VAL A 470 -1.80 -45.59 -26.68
CA VAL A 470 -0.41 -45.20 -26.35
C VAL A 470 -0.18 -45.46 -24.85
N TRP A 471 -1.16 -45.07 -24.06
CA TRP A 471 -1.28 -45.47 -22.66
C TRP A 471 -2.63 -46.21 -22.55
N THR A 472 -2.67 -47.21 -21.69
CA THR A 472 -3.82 -48.12 -21.61
C THR A 472 -4.76 -47.78 -20.46
N SER A 473 -4.27 -47.10 -19.42
CA SER A 473 -5.13 -46.73 -18.30
C SER A 473 -4.59 -45.51 -17.56
N LEU A 474 -5.37 -45.02 -16.60
CA LEU A 474 -4.94 -43.89 -15.76
C LEU A 474 -3.79 -44.26 -14.80
N GLU A 475 -3.73 -45.52 -14.38
CA GLU A 475 -2.66 -45.95 -13.49
C GLU A 475 -1.35 -45.98 -14.23
N GLU A 476 -1.35 -46.48 -15.47
CA GLU A 476 -0.17 -46.47 -16.32
C GLU A 476 0.29 -45.01 -16.61
N VAL A 477 -0.65 -44.13 -16.96
CA VAL A 477 -0.38 -42.68 -17.09
C VAL A 477 0.35 -42.13 -15.87
N LYS A 478 -0.17 -42.40 -14.68
CA LYS A 478 0.47 -42.01 -13.42
C LYS A 478 1.87 -42.62 -13.22
N ALA A 479 2.05 -43.88 -13.60
CA ALA A 479 3.37 -44.55 -13.45
C ALA A 479 4.44 -43.96 -14.36
N VAL A 480 4.10 -43.79 -15.64
CA VAL A 480 5.00 -43.15 -16.60
C VAL A 480 5.36 -41.74 -16.12
N SER A 481 4.41 -41.00 -15.58
CA SER A 481 4.72 -39.65 -15.09
C SER A 481 5.77 -39.71 -13.99
N ARG A 482 5.56 -40.61 -13.02
CA ARG A 482 6.46 -40.72 -11.86
C ARG A 482 7.83 -41.25 -12.27
N ARG A 483 7.85 -42.29 -13.10
CA ARG A 483 9.11 -42.81 -13.68
C ARG A 483 9.92 -41.77 -14.51
N GLU A 484 9.25 -40.99 -15.36
CA GLU A 484 9.98 -40.21 -16.36
C GLU A 484 10.15 -38.71 -16.07
N ASN A 485 9.24 -38.12 -15.29
CA ASN A 485 9.21 -36.64 -15.09
C ASN A 485 9.24 -36.31 -13.62
N SER A 486 10.11 -35.40 -13.22
CA SER A 486 10.33 -35.10 -11.81
C SER A 486 9.22 -34.21 -11.20
N TRP A 487 8.79 -34.57 -9.99
CA TRP A 487 7.85 -33.78 -9.20
C TRP A 487 8.56 -33.31 -7.93
N LYS A 488 8.78 -32.00 -7.82
CA LYS A 488 9.25 -31.39 -6.57
C LYS A 488 8.10 -31.32 -5.58
N THR A 489 8.32 -31.75 -4.35
CA THR A 489 7.24 -31.72 -3.35
C THR A 489 7.54 -30.66 -2.27
N VAL A 490 6.55 -29.82 -1.98
CA VAL A 490 6.69 -28.70 -1.08
C VAL A 490 5.76 -29.01 0.07
N SER A 491 6.34 -29.32 1.22
CA SER A 491 5.52 -29.73 2.39
C SER A 491 5.18 -28.53 3.23
N PRO A 492 4.08 -28.60 4.00
CA PRO A 492 3.83 -27.51 4.95
C PRO A 492 5.01 -27.29 5.88
N SER A 493 5.33 -26.05 6.21
CA SER A 493 6.45 -25.78 7.11
C SER A 493 6.30 -24.47 7.87
N GLY A 494 5.08 -24.19 8.32
CA GLY A 494 4.87 -23.08 9.23
C GLY A 494 4.32 -23.66 10.50
N SER A 495 3.74 -22.78 11.30
CA SER A 495 3.02 -23.17 12.49
C SER A 495 1.54 -22.85 12.32
N ALA A 496 0.71 -23.68 12.95
CA ALA A 496 -0.73 -23.46 13.02
C ALA A 496 -1.11 -22.16 13.75
N MET A 497 -0.21 -21.65 14.61
CA MET A 497 -0.45 -20.38 15.30
C MET A 497 -0.22 -19.19 14.37
N GLU A 498 0.81 -19.29 13.51
CA GLU A 498 1.05 -18.30 12.48
C GLU A 498 -0.09 -18.29 11.44
N ARG A 499 -0.45 -19.48 10.97
CA ARG A 499 -1.60 -19.69 10.08
C ARG A 499 -2.84 -18.96 10.58
N GLU A 500 -3.17 -19.22 11.85
CA GLU A 500 -4.34 -18.64 12.49
C GLU A 500 -4.29 -17.09 12.48
N ALA A 501 -3.18 -16.52 12.92
CA ALA A 501 -2.97 -15.05 12.90
C ALA A 501 -3.07 -14.40 11.52
N MET A 502 -2.55 -15.07 10.52
CA MET A 502 -2.49 -14.57 9.17
C MET A 502 -3.91 -14.54 8.63
N ILE A 503 -4.64 -15.63 8.85
CA ILE A 503 -6.04 -15.74 8.46
C ILE A 503 -6.92 -14.70 9.18
N ALA A 504 -6.63 -14.43 10.46
CA ALA A 504 -7.41 -13.47 11.23
C ALA A 504 -7.18 -12.02 10.77
N GLU A 505 -5.93 -11.67 10.49
CA GLU A 505 -5.57 -10.40 9.82
C GLU A 505 -6.13 -10.24 8.40
N TRP A 506 -6.04 -11.31 7.61
CA TRP A 506 -6.67 -11.37 6.29
C TRP A 506 -8.18 -11.02 6.36
N ARG A 507 -8.93 -11.72 7.22
CA ARG A 507 -10.39 -11.44 7.45
C ARG A 507 -10.69 -9.99 7.86
N GLU A 508 -9.85 -9.42 8.71
CA GLU A 508 -10.04 -8.02 9.08
C GLU A 508 -9.83 -7.10 7.89
N ALA A 509 -8.79 -7.38 7.11
CA ALA A 509 -8.45 -6.53 5.97
C ALA A 509 -9.57 -6.51 4.92
N LEU A 510 -10.18 -7.67 4.67
CA LEU A 510 -11.23 -7.79 3.64
C LEU A 510 -12.36 -6.78 3.88
N LYS A 511 -12.72 -6.61 5.15
CA LYS A 511 -13.72 -5.60 5.56
C LYS A 511 -13.42 -4.13 5.16
N ARG A 512 -12.14 -3.82 4.95
CA ARG A 512 -11.71 -2.47 4.62
C ARG A 512 -11.61 -2.22 3.12
N THR A 513 -11.91 -3.22 2.30
CA THR A 513 -11.60 -3.17 0.85
C THR A 513 -12.63 -2.52 -0.06
N LYS A 514 -13.86 -2.40 0.41
CA LYS A 514 -14.97 -1.83 -0.36
C LYS A 514 -14.74 -0.35 -0.62
N TRP A 515 -14.81 0.07 -1.87
CA TRP A 515 -14.51 1.47 -2.22
C TRP A 515 -15.41 2.06 -3.33
N ALA A 516 -15.36 1.45 -4.52
CA ALA A 516 -16.08 1.92 -5.71
C ALA A 516 -17.56 2.24 -5.51
N LYS A 517 -18.05 3.19 -6.31
CA LYS A 517 -19.38 3.81 -6.13
C LYS A 517 -19.47 4.49 -4.77
N PRO B 4 28.15 53.60 15.46
CA PRO B 4 27.13 54.23 14.63
C PRO B 4 27.31 53.89 13.15
N PHE B 5 28.38 53.19 12.84
CA PHE B 5 28.67 52.80 11.47
C PHE B 5 28.93 51.32 11.44
N THR B 6 29.45 50.82 12.54
CA THR B 6 29.76 49.42 12.69
C THR B 6 28.54 48.59 12.98
N MET B 7 28.38 47.54 12.19
CA MET B 7 27.27 46.64 12.31
C MET B 7 27.14 45.90 13.60
N LYS B 8 25.91 45.68 13.98
CA LYS B 8 25.59 44.94 15.20
C LYS B 8 25.07 43.55 14.88
N TYR B 9 25.35 42.62 15.78
CA TYR B 9 25.05 41.20 15.61
C TYR B 9 24.33 40.59 16.81
N VAL B 10 23.41 39.66 16.54
CA VAL B 10 22.73 38.95 17.62
C VAL B 10 22.89 37.44 17.40
N GLY B 11 23.27 36.73 18.46
CA GLY B 11 23.57 35.30 18.37
C GLY B 11 22.33 34.52 18.74
N SER B 12 22.10 33.41 18.05
CA SER B 12 20.97 32.55 18.32
C SER B 12 21.44 31.08 18.47
N ILE B 13 21.24 30.49 19.64
CA ILE B 13 21.54 29.04 19.84
C ILE B 13 20.28 28.28 19.54
N ASP B 14 20.34 27.47 18.50
CA ASP B 14 19.21 26.67 18.03
C ASP B 14 19.46 25.19 18.37
N GLN B 15 18.97 24.78 19.54
CA GLN B 15 19.21 23.45 20.09
C GLN B 15 18.08 22.54 19.68
N GLY B 16 18.28 21.76 18.63
CA GLY B 16 17.24 20.88 18.08
C GLY B 16 17.28 19.45 18.61
N THR B 17 16.32 18.67 18.19
CA THR B 17 16.28 17.26 18.50
C THR B 17 17.54 16.50 18.05
N THR B 18 17.96 16.69 16.81
CA THR B 18 19.14 15.95 16.25
C THR B 18 20.47 16.73 16.18
N SER B 19 20.43 18.06 16.23
CA SER B 19 21.67 18.86 16.26
C SER B 19 21.47 20.20 16.87
N THR B 20 22.60 20.84 17.16
CA THR B 20 22.67 22.17 17.69
C THR B 20 23.32 23.10 16.66
N ARG B 21 22.84 24.33 16.59
CA ARG B 21 23.42 25.34 15.72
C ARG B 21 23.57 26.64 16.47
N PHE B 22 24.57 27.40 16.08
CA PHE B 22 24.65 28.79 16.44
C PHE B 22 24.58 29.59 15.15
N ILE B 23 23.63 30.49 15.10
CA ILE B 23 23.47 31.44 13.99
C ILE B 23 23.63 32.89 14.47
N ILE B 24 24.58 33.59 13.87
CA ILE B 24 24.75 35.03 14.10
C ILE B 24 24.00 35.82 13.05
N PHE B 25 23.03 36.61 13.51
CA PHE B 25 22.27 37.52 12.67
C PHE B 25 22.87 38.94 12.73
N ASP B 26 22.73 39.72 11.67
CA ASP B 26 23.05 41.15 11.74
C ASP B 26 21.75 41.94 11.74
N GLU B 27 21.87 43.27 11.66
CA GLU B 27 20.71 44.18 11.78
C GLU B 27 19.66 44.00 10.70
N ARG B 28 20.09 43.50 9.54
CA ARG B 28 19.22 43.13 8.44
C ARG B 28 18.39 41.86 8.67
N GLN B 29 18.63 41.13 9.77
CA GLN B 29 18.01 39.82 10.01
C GLN B 29 18.50 38.79 8.98
N ARG B 30 19.79 38.90 8.65
CA ARG B 30 20.47 37.98 7.77
C ARG B 30 21.45 37.13 8.57
N PRO B 31 21.44 35.80 8.35
CA PRO B 31 22.37 34.91 9.03
C PRO B 31 23.72 35.06 8.39
N VAL B 32 24.70 35.55 9.14
CA VAL B 32 25.98 35.87 8.56
C VAL B 32 27.03 34.82 8.85
N SER B 33 26.92 34.17 9.99
CA SER B 33 27.74 33.03 10.29
C SER B 33 26.87 31.95 10.92
N VAL B 34 27.15 30.68 10.59
CA VAL B 34 26.48 29.52 11.12
C VAL B 34 27.48 28.40 11.32
N HIS B 35 27.34 27.70 12.43
CA HIS B 35 27.90 26.38 12.56
C HIS B 35 26.89 25.39 13.16
N GLN B 36 27.02 24.10 12.83
CA GLN B 36 26.20 23.03 13.40
C GLN B 36 27.03 21.88 13.99
N VAL B 37 26.55 21.26 15.07
CA VAL B 37 27.16 20.07 15.66
C VAL B 37 26.03 19.09 16.03
N PRO B 38 26.10 17.83 15.56
CA PRO B 38 25.09 16.79 15.91
C PRO B 38 25.34 16.20 17.31
N HIS B 39 24.31 15.69 17.96
CA HIS B 39 24.48 14.93 19.24
C HIS B 39 23.81 13.59 19.05
N THR B 40 24.08 12.66 19.97
CA THR B 40 23.78 11.25 19.78
C THR B 40 22.34 10.99 20.17
N GLN B 41 21.63 10.21 19.35
CA GLN B 41 20.25 9.81 19.64
C GLN B 41 20.19 8.42 20.34
N HIS B 42 20.33 8.40 21.67
CA HIS B 42 20.34 7.12 22.39
C HIS B 42 18.95 6.50 22.44
N THR B 43 18.84 5.23 22.02
CA THR B 43 17.60 4.46 22.00
C THR B 43 17.82 3.13 22.77
N PRO B 44 17.82 3.17 24.13
CA PRO B 44 18.13 1.99 24.96
C PRO B 44 17.11 0.85 24.87
N HIS B 45 15.83 1.20 24.69
CA HIS B 45 14.74 0.25 24.53
C HIS B 45 13.84 0.77 23.39
N PRO B 46 13.08 -0.13 22.73
CA PRO B 46 12.22 0.39 21.63
C PRO B 46 11.19 1.39 22.14
N GLY B 47 11.09 2.52 21.47
CA GLY B 47 10.22 3.57 21.94
C GLY B 47 10.91 4.60 22.81
N TRP B 48 12.16 4.38 23.20
CA TRP B 48 12.85 5.35 24.04
C TRP B 48 13.83 6.23 23.29
N LEU B 49 14.05 7.45 23.77
CA LEU B 49 14.99 8.39 23.18
C LEU B 49 15.58 9.22 24.29
N GLU B 50 16.89 9.31 24.34
CA GLU B 50 17.62 10.00 25.37
C GLU B 50 18.76 10.81 24.85
N HIS B 51 19.06 11.94 25.48
CA HIS B 51 20.17 12.75 25.02
C HIS B 51 21.14 12.97 26.13
N ASP B 52 22.42 13.04 25.78
CA ASP B 52 23.46 13.35 26.74
C ASP B 52 23.48 14.88 26.89
N PRO B 53 23.13 15.40 28.09
CA PRO B 53 23.05 16.83 28.29
C PRO B 53 24.37 17.55 28.21
N MET B 54 25.46 16.90 28.61
CA MET B 54 26.79 17.49 28.42
C MET B 54 27.22 17.49 26.94
N GLU B 55 26.79 16.51 26.14
CA GLU B 55 27.09 16.56 24.71
C GLU B 55 26.38 17.77 24.04
N ILE B 56 25.15 18.07 24.49
CA ILE B 56 24.38 19.24 24.03
C ILE B 56 25.04 20.53 24.46
N PHE B 57 25.39 20.66 25.73
CA PHE B 57 26.10 21.87 26.17
C PHE B 57 27.36 22.12 25.34
N ARG B 58 28.14 21.08 25.14
CA ARG B 58 29.39 21.22 24.42
C ARG B 58 29.17 21.51 22.95
N SER B 59 28.15 20.89 22.34
CA SER B 59 27.81 21.20 20.96
C SER B 59 27.57 22.71 20.81
N ALA B 60 26.71 23.22 21.68
CA ALA B 60 26.40 24.63 21.72
C ALA B 60 27.64 25.56 21.84
N CYS B 61 28.56 25.26 22.75
CA CYS B 61 29.76 26.11 22.91
C CYS B 61 30.69 26.00 21.72
N LYS B 62 30.81 24.78 21.19
CA LYS B 62 31.60 24.53 19.98
C LYS B 62 31.07 25.36 18.82
N CYS B 63 29.75 25.22 18.60
CA CYS B 63 28.98 26.01 17.65
C CYS B 63 29.24 27.52 17.74
N MET B 64 29.22 28.05 18.95
CA MET B 64 29.44 29.48 19.12
C MET B 64 30.84 29.87 18.70
N SER B 65 31.85 29.14 19.17
CA SER B 65 33.25 29.57 18.97
C SER B 65 33.66 29.46 17.52
N VAL B 66 33.15 28.47 16.83
CA VAL B 66 33.40 28.33 15.42
C VAL B 66 32.71 29.42 14.62
N ALA B 67 31.46 29.71 14.92
CA ALA B 67 30.69 30.72 14.22
C ALA B 67 31.25 32.11 14.39
N ILE B 68 31.67 32.43 15.60
CA ILE B 68 32.26 33.71 15.88
C ILE B 68 33.54 33.85 15.11
N ALA B 69 34.33 32.80 15.07
CA ALA B 69 35.60 32.83 14.38
C ALA B 69 35.42 33.08 12.91
N LYS B 70 34.44 32.45 12.31
CA LYS B 70 34.18 32.67 10.92
C LYS B 70 33.72 34.08 10.67
N LEU B 71 32.90 34.60 11.56
CA LEU B 71 32.39 35.93 11.38
C LEU B 71 33.49 36.97 11.38
N ARG B 72 34.44 36.86 12.30
CA ARG B 72 35.51 37.84 12.34
C ARG B 72 36.35 37.81 11.09
N GLN B 73 36.42 36.69 10.40
CA GLN B 73 37.14 36.65 9.15
C GLN B 73 36.42 37.56 8.16
N LYS B 74 35.10 37.51 8.19
CA LYS B 74 34.21 38.33 7.38
C LYS B 74 34.15 39.81 7.75
N ASP B 75 34.10 40.09 9.05
CA ASP B 75 34.05 41.43 9.56
C ASP B 75 35.11 41.46 10.63
N ALA B 76 36.24 42.06 10.33
CA ALA B 76 37.34 42.12 11.26
C ALA B 76 37.21 43.25 12.22
N SER B 77 36.19 44.08 11.99
CA SER B 77 35.94 45.23 12.82
C SER B 77 34.93 44.93 13.88
N PHE B 78 34.56 43.67 14.03
CA PHE B 78 33.55 43.33 15.00
C PHE B 78 34.05 42.86 16.35
N ARG B 79 33.89 43.73 17.33
CA ARG B 79 34.25 43.43 18.69
C ARG B 79 33.36 42.41 19.39
N LYS B 80 32.05 42.52 19.21
CA LYS B 80 31.16 41.60 19.90
C LYS B 80 29.74 41.48 19.43
N ILE B 81 29.03 40.52 19.99
CA ILE B 81 27.63 40.32 19.69
C ILE B 81 26.90 41.02 20.81
N GLU B 82 25.75 41.57 20.49
CA GLU B 82 24.98 42.42 21.36
C GLU B 82 24.36 41.55 22.40
N ALA B 83 23.68 40.50 21.97
CA ALA B 83 23.02 39.54 22.86
C ALA B 83 22.87 38.15 22.20
N ILE B 84 22.65 37.16 23.05
CA ILE B 84 22.39 35.78 22.63
C ILE B 84 20.98 35.43 22.98
N GLY B 85 20.31 34.75 22.05
CA GLY B 85 18.98 34.19 22.26
C GLY B 85 19.07 32.69 22.17
N ILE B 86 18.19 31.99 22.87
CA ILE B 86 18.17 30.55 22.86
C ILE B 86 16.82 30.08 22.45
N THR B 87 16.81 29.01 21.67
CA THR B 87 15.58 28.42 21.27
C THR B 87 15.86 26.95 21.28
N ASN B 88 14.92 26.15 21.72
CA ASN B 88 15.17 24.74 21.86
C ASN B 88 14.07 23.78 21.61
N GLN B 89 14.44 22.52 21.58
CA GLN B 89 13.50 21.44 21.45
C GLN B 89 12.89 21.46 22.82
N ARG B 90 11.58 21.44 22.87
CA ARG B 90 10.90 21.52 24.13
C ARG B 90 10.55 20.20 24.79
N GLU B 91 10.24 20.29 26.07
CA GLU B 91 9.72 19.17 26.87
C GLU B 91 10.79 18.17 27.34
N THR B 92 11.72 17.84 26.45
CA THR B 92 12.98 17.21 26.80
C THR B 92 13.48 17.77 28.12
N THR B 93 13.70 16.90 29.10
CA THR B 93 13.98 17.33 30.48
C THR B 93 15.31 16.79 30.96
N VAL B 94 16.13 17.70 31.51
CA VAL B 94 17.40 17.38 32.15
C VAL B 94 17.20 17.41 33.68
N ALA B 95 17.93 16.52 34.37
CA ALA B 95 18.05 16.54 35.83
C ALA B 95 19.51 16.65 36.21
N TRP B 96 19.82 17.60 37.08
CA TRP B 96 21.19 17.85 37.45
C TRP B 96 21.44 18.27 38.88
N ASP B 97 22.67 18.07 39.33
CA ASP B 97 23.09 18.41 40.68
C ASP B 97 23.46 19.85 40.83
N ARG B 98 22.91 20.44 41.87
CA ARG B 98 23.11 21.82 42.23
C ARG B 98 24.56 22.13 42.54
N VAL B 99 25.24 21.22 43.22
CA VAL B 99 26.64 21.46 43.57
C VAL B 99 27.67 21.01 42.54
N THR B 100 27.49 19.81 42.01
CA THR B 100 28.38 19.28 40.97
C THR B 100 28.26 20.02 39.64
N LYS B 101 27.06 20.47 39.32
CA LYS B 101 26.81 21.15 38.06
C LYS B 101 26.84 20.13 36.96
N GLU B 102 26.61 18.88 37.30
CA GLU B 102 26.69 17.84 36.32
C GLU B 102 25.38 17.16 36.27
N PRO B 103 25.06 16.61 35.04
CA PRO B 103 23.75 15.96 35.00
C PRO B 103 23.72 14.64 35.75
N LEU B 104 22.60 14.40 36.40
CA LEU B 104 22.34 13.17 37.11
C LEU B 104 22.16 12.00 36.18
N CYS B 105 21.54 12.24 35.04
CA CYS B 105 21.29 11.20 34.05
C CYS B 105 20.98 11.76 32.68
N TYR B 106 20.85 10.89 31.69
CA TYR B 106 20.54 11.33 30.34
C TYR B 106 19.17 11.93 30.32
N ALA B 107 18.89 12.77 29.33
CA ALA B 107 17.63 13.51 29.29
C ALA B 107 16.68 12.81 28.35
N PRO B 108 15.55 12.28 28.88
CA PRO B 108 14.53 11.78 27.96
C PRO B 108 13.91 12.93 27.15
N VAL B 109 13.50 12.61 25.94
CA VAL B 109 13.27 13.57 24.89
C VAL B 109 11.79 13.65 24.64
N TRP B 110 11.30 14.82 24.21
CA TRP B 110 9.85 15.01 23.98
C TRP B 110 9.09 13.76 23.53
N ASN B 111 9.60 13.08 22.50
CA ASN B 111 8.90 11.92 21.89
C ASN B 111 9.22 10.53 22.46
N ASP B 112 9.95 10.50 23.57
CA ASP B 112 10.30 9.28 24.23
C ASP B 112 9.06 8.71 24.89
N LEU B 113 8.91 7.40 24.88
CA LEU B 113 7.74 6.77 25.46
C LEU B 113 7.89 6.03 26.80
N ARG B 114 8.96 6.24 27.52
CA ARG B 114 9.16 5.57 28.79
C ARG B 114 8.16 5.94 29.88
N THR B 115 7.58 7.11 29.77
CA THR B 115 6.67 7.62 30.76
C THR B 115 5.25 7.20 30.56
N TYR B 116 5.02 6.32 29.61
CA TYR B 116 3.67 5.91 29.32
C TYR B 116 2.94 5.30 30.50
N ASP B 117 3.58 4.44 31.28
CA ASP B 117 2.90 3.87 32.43
C ASP B 117 2.58 4.95 33.43
N ILE B 118 3.53 5.83 33.67
CA ILE B 118 3.35 6.91 34.63
C ILE B 118 2.22 7.76 34.14
N THR B 119 2.12 7.88 32.84
CA THR B 119 1.08 8.71 32.28
C THR B 119 -0.23 8.11 32.76
N LYS B 120 -0.32 6.79 32.71
CA LYS B 120 -1.53 6.14 33.15
C LYS B 120 -1.81 6.29 34.63
N LYS B 121 -0.80 6.14 35.46
CA LYS B 121 -0.97 6.24 36.89
C LYS B 121 -1.47 7.61 37.23
N VAL B 122 -0.95 8.59 36.53
CA VAL B 122 -1.35 9.99 36.74
C VAL B 122 -2.82 10.21 36.39
N THR B 123 -3.22 9.79 35.20
CA THR B 123 -4.59 10.01 34.73
C THR B 123 -5.62 9.40 35.69
N ALA B 124 -5.37 8.15 36.13
CA ALA B 124 -6.26 7.46 37.06
C ALA B 124 -6.29 8.14 38.45
N GLU B 125 -5.24 7.93 39.21
CA GLU B 125 -5.11 8.45 40.56
C GLU B 125 -5.39 9.92 40.74
N LEU B 126 -5.32 10.70 39.67
CA LEU B 126 -5.55 12.12 39.81
C LEU B 126 -6.73 12.62 39.01
N GLY B 127 -6.55 12.75 37.72
CA GLY B 127 -7.62 13.25 36.89
C GLY B 127 -8.87 12.46 37.13
N GLY B 128 -8.69 11.26 37.68
CA GLY B 128 -9.82 10.42 37.91
C GLY B 128 -10.21 10.02 36.51
N GLY B 129 -9.24 9.50 35.79
CA GLY B 129 -9.47 9.06 34.43
C GLY B 129 -9.73 10.15 33.44
N ASP B 130 -9.52 11.41 33.79
CA ASP B 130 -9.75 12.44 32.80
C ASP B 130 -8.38 13.04 32.45
N SER B 131 -7.96 12.84 31.20
CA SER B 131 -6.68 13.32 30.70
C SER B 131 -6.58 14.82 30.70
N MET B 132 -7.69 15.47 30.39
CA MET B 132 -7.78 16.90 30.28
C MET B 132 -8.17 17.52 31.59
N PHE B 133 -8.06 16.75 32.65
CA PHE B 133 -8.48 17.25 33.95
C PHE B 133 -7.75 18.52 34.34
N ALA B 134 -6.45 18.57 34.11
CA ALA B 134 -5.69 19.75 34.46
C ALA B 134 -5.55 20.65 33.30
N SER B 135 -6.26 20.37 32.23
CA SER B 135 -6.10 21.15 31.02
C SER B 135 -6.39 22.62 31.15
N LYS B 136 -7.44 23.02 31.86
CA LYS B 136 -7.70 24.44 31.97
C LYS B 136 -6.54 25.11 32.64
N ILE B 137 -5.92 24.45 33.59
CA ILE B 137 -4.73 25.01 34.22
C ILE B 137 -3.49 25.09 33.32
N THR B 138 -3.21 24.04 32.57
CA THR B 138 -2.02 23.96 31.74
C THR B 138 -2.13 24.23 30.26
N GLY B 139 -3.17 23.70 29.67
CA GLY B 139 -3.44 23.78 28.24
C GLY B 139 -3.32 22.44 27.54
N LEU B 140 -2.79 21.49 28.28
CA LEU B 140 -2.43 20.21 27.75
C LEU B 140 -3.08 18.98 28.28
N PRO B 141 -3.29 18.00 27.33
CA PRO B 141 -3.87 16.77 27.85
C PRO B 141 -2.75 15.97 28.45
N VAL B 142 -3.04 15.02 29.31
CA VAL B 142 -1.97 14.22 29.88
C VAL B 142 -1.41 13.47 28.72
N SER B 143 -0.10 13.54 28.52
CA SER B 143 0.53 12.85 27.43
C SER B 143 1.94 12.57 27.82
N THR B 144 2.58 11.69 27.09
CA THR B 144 3.93 11.32 27.39
C THR B 144 4.92 12.41 27.11
N TYR B 145 4.54 13.35 26.28
CA TYR B 145 5.44 14.43 25.92
C TYR B 145 5.87 15.38 26.99
N PHE B 146 4.95 15.80 27.83
CA PHE B 146 5.24 16.81 28.82
C PHE B 146 6.21 16.51 29.93
N ALA B 147 7.01 17.49 30.21
CA ALA B 147 8.06 17.42 31.19
C ALA B 147 7.78 16.68 32.47
N ALA B 148 6.84 17.21 33.24
CA ALA B 148 6.45 16.67 34.53
C ALA B 148 6.53 15.17 34.61
N PHE B 149 5.86 14.52 33.70
CA PHE B 149 5.85 13.05 33.65
C PHE B 149 7.25 12.43 33.45
N LYS B 150 8.15 13.15 32.75
CA LYS B 150 9.57 12.75 32.68
C LYS B 150 10.33 13.05 33.97
N MET B 151 9.99 14.15 34.63
CA MET B 151 10.57 14.45 35.95
C MET B 151 10.22 13.36 36.97
N ARG B 152 8.99 12.88 36.87
CA ARG B 152 8.49 11.83 37.73
C ARG B 152 9.24 10.53 37.49
N TRP B 153 9.33 10.12 36.21
CA TRP B 153 10.02 8.88 35.83
C TRP B 153 11.43 8.81 36.41
N MET B 154 12.14 9.92 36.31
CA MET B 154 13.49 10.01 36.81
C MET B 154 13.54 9.88 38.34
N LEU B 155 12.61 10.55 39.03
CA LEU B 155 12.52 10.44 40.49
C LEU B 155 12.24 9.01 40.95
N GLU B 156 11.29 8.34 40.30
CA GLU B 156 10.99 6.94 40.59
C GLU B 156 12.11 5.97 40.17
N ASN B 157 12.56 6.08 38.91
CA ASN B 157 13.46 5.08 38.30
C ASN B 157 14.98 5.34 38.27
N VAL B 158 15.46 6.49 38.75
CA VAL B 158 16.92 6.75 38.74
C VAL B 158 17.48 7.00 40.15
N PRO B 159 18.26 6.03 40.69
CA PRO B 159 18.90 6.16 42.01
C PRO B 159 19.53 7.52 42.35
N ALA B 160 20.35 8.04 41.44
CA ALA B 160 21.05 9.31 41.67
C ALA B 160 20.08 10.51 41.74
N VAL B 161 18.95 10.41 41.03
CA VAL B 161 17.94 11.47 40.98
C VAL B 161 17.11 11.48 42.26
N ALA B 162 16.72 10.30 42.73
CA ALA B 162 16.00 10.15 44.01
C ALA B 162 16.87 10.64 45.17
N ASP B 163 18.12 10.19 45.21
CA ASP B 163 19.04 10.62 46.26
C ASP B 163 19.13 12.13 46.31
N ALA B 164 19.49 12.71 45.16
CA ALA B 164 19.75 14.15 45.01
C ALA B 164 18.59 15.06 45.44
N CYS B 165 17.35 14.57 45.30
CA CYS B 165 16.16 15.30 45.74
C CYS B 165 16.10 15.46 47.27
N ARG B 166 16.16 14.34 47.98
CA ARG B 166 16.18 14.33 49.45
C ARG B 166 17.39 15.10 50.02
N ARG B 167 18.53 15.05 49.34
CA ARG B 167 19.68 15.88 49.75
C ARG B 167 19.50 17.40 49.52
N GLY B 168 18.47 17.82 48.77
CA GLY B 168 18.22 19.24 48.49
C GLY B 168 19.15 19.86 47.45
N THR B 169 19.62 19.03 46.50
CA THR B 169 20.50 19.48 45.39
C THR B 169 19.92 19.28 43.97
N LEU B 170 18.68 18.79 43.85
CA LEU B 170 18.10 18.46 42.54
C LEU B 170 17.56 19.71 41.82
N CYS B 171 18.08 19.96 40.62
CA CYS B 171 17.54 20.95 39.69
C CYS B 171 16.95 20.21 38.49
N PHE B 172 15.67 20.41 38.20
CA PHE B 172 15.08 19.97 36.93
C PHE B 172 15.09 21.17 35.98
N GLY B 173 14.95 20.89 34.70
CA GLY B 173 15.04 21.93 33.69
C GLY B 173 14.82 21.44 32.27
N THR B 174 14.13 22.27 31.48
CA THR B 174 14.03 22.02 30.06
C THR B 174 15.36 22.46 29.44
N ILE B 175 15.54 22.29 28.14
CA ILE B 175 16.85 22.51 27.53
C ILE B 175 17.27 23.98 27.59
N ASP B 176 16.33 24.92 27.44
CA ASP B 176 16.65 26.33 27.67
C ASP B 176 17.32 26.53 29.00
N THR B 177 16.66 26.01 30.06
CA THR B 177 17.08 26.15 31.43
C THR B 177 18.45 25.52 31.59
N TRP B 178 18.60 24.25 31.19
CA TRP B 178 19.90 23.56 31.20
C TRP B 178 21.01 24.35 30.53
N LEU B 179 20.74 24.81 29.32
CA LEU B 179 21.69 25.65 28.56
C LEU B 179 22.01 26.94 29.28
N MET B 180 20.97 27.61 29.77
CA MET B 180 21.11 28.91 30.44
C MET B 180 21.90 28.72 31.76
N TYR B 181 21.68 27.59 32.45
CA TYR B 181 22.43 27.27 33.65
C TYR B 181 23.91 27.09 33.34
N LYS B 182 24.24 26.16 32.46
CA LYS B 182 25.65 25.92 32.15
C LYS B 182 26.35 27.09 31.51
N LEU B 183 25.68 27.80 30.63
CA LEU B 183 26.30 28.93 29.97
C LEU B 183 26.70 29.97 30.99
N SER B 184 25.92 30.08 32.04
CA SER B 184 26.14 31.06 33.08
C SER B 184 27.05 30.63 34.20
N GLY B 185 27.59 29.44 34.16
CA GLY B 185 28.45 28.98 35.21
C GLY B 185 27.66 28.50 36.41
N GLY B 186 26.39 28.23 36.21
CA GLY B 186 25.55 27.77 37.28
C GLY B 186 24.90 28.91 38.00
N LYS B 187 25.19 30.11 37.54
CA LYS B 187 24.63 31.32 38.11
C LYS B 187 23.14 31.53 37.90
N ALA B 188 22.59 31.06 36.79
CA ALA B 188 21.17 31.27 36.51
C ALA B 188 20.37 30.02 36.45
N PHE B 189 19.16 30.07 37.00
CA PHE B 189 18.24 28.95 37.00
C PHE B 189 16.90 29.48 36.56
N VAL B 190 16.76 29.72 35.27
CA VAL B 190 15.54 30.30 34.69
C VAL B 190 14.96 29.49 33.54
N THR B 191 13.67 29.69 33.31
CA THR B 191 13.00 29.23 32.13
C THR B 191 12.18 30.38 31.62
N ASP B 192 11.55 30.19 30.46
CA ASP B 192 10.74 31.21 29.83
C ASP B 192 9.34 30.66 29.67
N VAL B 193 8.39 31.55 29.45
CA VAL B 193 6.98 31.18 29.54
C VAL B 193 6.57 30.14 28.52
N THR B 194 7.15 30.20 27.32
CA THR B 194 6.82 29.21 26.30
C THR B 194 7.27 27.82 26.73
N ASN B 195 8.52 27.71 27.15
CA ASN B 195 9.08 26.43 27.63
C ASN B 195 8.32 25.91 28.86
N ALA B 196 8.03 26.79 29.83
CA ALA B 196 7.23 26.42 31.01
C ALA B 196 5.82 25.95 30.65
N SER B 197 5.23 26.54 29.60
CA SER B 197 3.89 26.08 29.15
C SER B 197 3.84 24.63 28.75
N ARG B 198 5.01 23.98 28.71
CA ARG B 198 5.14 22.60 28.27
C ARG B 198 5.48 21.64 29.40
N THR B 199 5.71 22.18 30.60
CA THR B 199 6.12 21.37 31.75
C THR B 199 4.98 20.52 32.28
N PHE B 200 3.74 20.98 32.08
CA PHE B 200 2.54 20.43 32.75
C PHE B 200 2.52 20.83 34.24
N LEU B 201 3.23 21.89 34.55
CA LEU B 201 3.35 22.43 35.88
C LEU B 201 3.11 23.96 35.93
N MET B 202 2.70 24.56 34.83
CA MET B 202 2.47 25.98 34.85
C MET B 202 1.05 26.36 34.56
N ASP B 203 0.60 27.45 35.18
CA ASP B 203 -0.74 27.95 34.98
C ASP B 203 -0.68 28.88 33.80
N LEU B 204 -1.38 28.54 32.74
CA LEU B 204 -1.33 29.29 31.53
C LEU B 204 -1.74 30.72 31.60
N ARG B 205 -2.89 30.99 32.20
CA ARG B 205 -3.39 32.36 32.30
C ARG B 205 -2.45 33.27 33.09
N THR B 206 -1.96 32.76 34.22
CA THR B 206 -1.06 33.50 35.08
C THR B 206 0.43 33.36 34.77
N ARG B 207 0.81 32.31 34.06
CA ARG B 207 2.21 32.13 33.76
C ARG B 207 3.03 32.04 35.01
N LYS B 208 2.53 31.26 35.95
CA LYS B 208 3.15 30.99 37.24
C LYS B 208 3.02 29.50 37.52
N TRP B 209 4.00 28.96 38.23
CA TRP B 209 3.95 27.56 38.70
C TRP B 209 2.69 27.35 39.54
N SER B 210 2.13 26.15 39.46
CA SER B 210 0.93 25.76 40.20
C SER B 210 1.26 24.79 41.32
N PRO B 211 1.28 25.28 42.59
CA PRO B 211 1.47 24.34 43.69
C PRO B 211 0.49 23.15 43.74
N GLU B 212 -0.69 23.29 43.16
CA GLU B 212 -1.56 22.15 43.20
C GLU B 212 -0.92 21.03 42.45
N LEU B 213 -0.43 21.32 41.26
CA LEU B 213 0.19 20.29 40.46
C LEU B 213 1.52 19.73 40.91
N CYS B 214 2.45 20.57 41.34
CA CYS B 214 3.74 20.06 41.71
C CYS B 214 3.53 19.08 42.83
N GLU B 215 2.77 19.53 43.81
CA GLU B 215 2.47 18.72 44.95
C GLU B 215 1.59 17.56 44.55
N LYS B 216 0.62 17.81 43.69
CA LYS B 216 -0.25 16.76 43.25
C LYS B 216 0.56 15.72 42.53
N LEU B 217 1.54 16.18 41.76
CA LEU B 217 2.39 15.29 40.97
C LEU B 217 3.62 14.86 41.71
N LYS B 218 3.73 15.27 42.95
CA LYS B 218 4.87 14.89 43.75
C LYS B 218 6.22 15.35 43.22
N ILE B 219 6.30 16.63 42.92
CA ILE B 219 7.51 17.23 42.48
C ILE B 219 7.82 18.46 43.29
N PRO B 220 8.81 18.41 44.16
CA PRO B 220 9.16 19.62 44.93
C PRO B 220 9.35 20.88 44.08
N MET B 221 8.86 22.01 44.56
CA MET B 221 8.97 23.25 43.83
C MET B 221 10.39 23.71 43.82
N GLU B 222 11.16 23.22 44.75
CA GLU B 222 12.54 23.61 44.88
C GLU B 222 13.34 23.22 43.67
N THR B 223 12.86 22.22 42.95
CA THR B 223 13.53 21.72 41.76
C THR B 223 13.13 22.47 40.52
N LEU B 224 12.41 23.57 40.67
CA LEU B 224 11.96 24.34 39.53
C LEU B 224 12.63 25.70 39.38
N PRO B 225 12.99 26.03 38.08
CA PRO B 225 13.62 27.35 37.93
C PRO B 225 12.63 28.50 37.86
N GLU B 226 13.12 29.72 37.98
CA GLU B 226 12.30 30.89 37.91
C GLU B 226 11.77 31.15 36.51
N ILE B 227 10.53 31.57 36.40
CA ILE B 227 9.94 31.86 35.12
C ILE B 227 10.09 33.31 34.74
N ARG B 228 10.30 33.54 33.46
CA ARG B 228 10.39 34.91 32.93
C ARG B 228 9.64 35.03 31.60
N SER B 229 9.67 36.22 31.01
CA SER B 229 9.22 36.40 29.63
C SER B 229 10.29 35.85 28.64
N ASN B 230 10.02 35.95 27.34
CA ASN B 230 10.98 35.51 26.33
C ASN B 230 12.03 36.55 26.02
N SER B 231 11.81 37.81 26.43
CA SER B 231 12.67 38.91 26.03
C SER B 231 13.03 39.83 27.19
N GLU B 232 14.16 39.54 27.83
CA GLU B 232 14.69 40.30 28.98
C GLU B 232 16.04 39.71 29.41
N LEU B 233 16.76 40.37 30.31
CA LEU B 233 18.01 39.80 30.84
C LEU B 233 17.76 38.50 31.63
N PHE B 234 18.41 37.42 31.21
CA PHE B 234 18.39 36.13 31.92
C PHE B 234 19.69 35.85 32.66
N GLY B 235 20.79 36.45 32.22
CA GLY B 235 22.13 36.09 32.71
C GLY B 235 23.17 36.51 31.71
N TYR B 236 24.45 36.24 32.00
CA TYR B 236 25.55 36.48 31.07
C TYR B 236 26.20 35.15 30.75
N VAL B 237 26.92 35.09 29.62
CA VAL B 237 27.75 33.94 29.28
C VAL B 237 29.08 34.06 30.00
N GLU B 238 29.33 33.12 30.91
CA GLU B 238 30.51 33.10 31.77
C GLU B 238 31.38 31.86 31.66
N THR B 239 30.87 30.76 31.11
CA THR B 239 31.64 29.53 30.98
C THR B 239 32.78 29.69 29.98
N ASP B 240 33.81 28.87 30.13
CA ASP B 240 34.92 28.88 29.19
C ASP B 240 35.00 27.60 28.36
N GLU B 241 33.95 26.77 28.39
CA GLU B 241 33.93 25.55 27.57
C GLU B 241 34.15 25.88 26.09
N CYS B 242 35.05 25.12 25.46
CA CYS B 242 35.50 25.33 24.09
C CYS B 242 35.92 26.79 23.78
N GLY B 243 36.43 27.49 24.79
CA GLY B 243 36.88 28.87 24.67
C GLY B 243 35.80 29.83 24.26
N VAL B 244 34.57 29.61 24.75
CA VAL B 244 33.39 30.39 24.34
C VAL B 244 33.43 31.83 24.87
N ALA B 245 33.75 32.01 26.15
CA ALA B 245 33.79 33.37 26.74
C ALA B 245 34.91 34.23 26.13
N ALA B 246 36.02 33.60 25.75
CA ALA B 246 37.14 34.28 25.09
C ALA B 246 36.83 34.68 23.64
N ALA B 247 36.12 33.80 22.91
CA ALA B 247 35.69 34.12 21.54
C ALA B 247 34.69 35.28 21.49
N LEU B 248 33.78 35.35 22.47
CA LEU B 248 32.83 36.47 22.59
C LEU B 248 33.47 37.83 22.85
N ASN B 249 34.66 37.80 23.40
CA ASN B 249 35.41 38.98 23.70
C ASN B 249 34.96 39.76 24.91
N GLU B 250 33.70 40.17 24.96
CA GLU B 250 33.23 40.93 26.10
C GLU B 250 32.11 40.13 26.67
N ARG B 251 31.75 40.36 27.92
CA ARG B 251 30.69 39.57 28.51
C ARG B 251 29.47 39.79 27.67
N THR B 252 28.78 38.70 27.37
CA THR B 252 27.61 38.74 26.55
C THR B 252 26.38 38.30 27.29
N PRO B 253 25.33 39.19 27.21
CA PRO B 253 24.15 38.79 27.96
C PRO B 253 23.26 37.89 27.17
N ILE B 254 22.64 36.95 27.86
CA ILE B 254 21.67 36.06 27.27
C ILE B 254 20.36 36.77 27.51
N MET B 255 19.77 37.32 26.45
CA MET B 255 18.53 38.11 26.56
C MET B 255 17.33 37.55 25.80
N GLY B 256 17.39 36.28 25.39
CA GLY B 256 16.31 35.65 24.62
C GLY B 256 16.22 34.17 24.94
N SER B 257 15.01 33.69 25.16
CA SER B 257 14.77 32.26 25.38
C SER B 257 13.35 31.99 24.95
N ILE B 258 13.16 30.97 24.11
CA ILE B 258 11.87 30.70 23.51
C ILE B 258 11.88 29.31 22.83
N GLY B 259 10.83 28.53 23.08
CA GLY B 259 10.75 27.17 22.57
C GLY B 259 10.69 27.18 21.07
N ASP B 260 11.10 26.06 20.45
CA ASP B 260 11.41 26.09 19.02
C ASP B 260 10.20 26.38 18.19
N GLN B 261 9.05 25.79 18.52
CA GLN B 261 7.89 26.03 17.67
C GLN B 261 7.39 27.44 17.81
N GLN B 262 7.54 28.01 19.00
CA GLN B 262 7.12 29.39 19.24
C GLN B 262 8.11 30.33 18.59
N SER B 263 9.40 29.99 18.67
CA SER B 263 10.44 30.78 17.99
C SER B 263 10.21 30.94 16.50
N ALA B 264 9.69 29.91 15.85
CA ALA B 264 9.34 29.96 14.43
C ALA B 264 8.10 30.79 14.15
N LEU B 265 7.12 30.76 15.05
CA LEU B 265 5.94 31.65 15.00
C LEU B 265 6.42 33.10 15.00
N PHE B 266 7.20 33.43 16.02
CA PHE B 266 7.79 34.76 16.19
C PHE B 266 8.72 35.19 15.05
N GLY B 267 9.54 34.25 14.57
CA GLY B 267 10.50 34.53 13.50
C GLY B 267 9.89 34.69 12.12
N ASN B 268 8.66 34.20 11.97
CA ASN B 268 7.85 34.43 10.78
C ASN B 268 6.87 35.60 10.94
N MET B 269 7.06 36.43 11.96
CA MET B 269 6.27 37.67 12.15
C MET B 269 4.76 37.40 12.32
N CYS B 270 4.41 36.34 13.04
CA CYS B 270 3.01 36.06 13.34
C CYS B 270 2.60 36.76 14.62
N PHE B 271 2.75 38.07 14.64
CA PHE B 271 2.44 38.89 15.81
C PHE B 271 0.97 39.16 16.08
N GLU B 272 0.12 38.99 15.08
CA GLU B 272 -1.29 39.27 15.23
C GLU B 272 -2.15 38.04 15.26
N LYS B 273 -3.25 38.12 16.00
CA LYS B 273 -4.11 36.97 16.10
C LYS B 273 -4.58 36.63 14.74
N GLY B 274 -4.63 35.34 14.47
CA GLY B 274 -5.04 34.83 13.20
C GLY B 274 -3.84 34.52 12.33
N GLU B 275 -2.68 34.99 12.74
CA GLU B 275 -1.48 34.72 12.00
C GLU B 275 -1.02 33.38 12.48
N ALA B 276 -0.61 32.53 11.57
CA ALA B 276 -0.24 31.19 11.91
C ALA B 276 0.92 30.73 11.04
N LYS B 277 1.63 29.71 11.54
CA LYS B 277 2.71 29.09 10.82
C LYS B 277 2.64 27.59 10.93
N ASN B 278 3.15 26.91 9.92
CA ASN B 278 3.27 25.48 9.94
C ASN B 278 4.69 25.12 9.61
N THR B 279 5.32 24.28 10.41
CA THR B 279 6.68 23.87 10.14
C THR B 279 6.72 22.42 9.72
N TYR B 280 7.11 22.16 8.48
CA TYR B 280 7.20 20.81 7.98
C TYR B 280 8.60 20.32 8.22
N GLY B 281 8.70 19.17 8.85
CA GLY B 281 9.97 18.55 9.09
C GLY B 281 9.59 17.11 8.97
N THR B 282 10.10 16.29 9.86
CA THR B 282 9.75 14.91 9.89
C THR B 282 8.24 14.86 10.07
N GLY B 283 7.73 15.81 10.83
CA GLY B 283 6.33 15.93 11.09
C GLY B 283 5.93 17.36 10.88
N CYS B 284 4.82 17.77 11.47
CA CYS B 284 4.33 19.09 11.32
C CYS B 284 3.99 19.67 12.64
N PHE B 285 4.03 20.97 12.73
CA PHE B 285 3.68 21.67 13.93
C PHE B 285 3.08 22.92 13.43
N LEU B 286 1.79 23.04 13.60
CA LEU B 286 1.03 24.21 13.18
C LEU B 286 0.68 25.01 14.41
N LEU B 287 1.06 26.29 14.42
CA LEU B 287 0.72 27.19 15.52
C LEU B 287 0.02 28.45 15.03
N MET B 288 -1.11 28.78 15.65
CA MET B 288 -1.88 29.97 15.33
C MET B 288 -1.86 30.89 16.52
N ASN B 289 -1.45 32.14 16.29
CA ASN B 289 -1.58 33.20 17.26
C ASN B 289 -3.06 33.49 17.46
N VAL B 290 -3.53 33.48 18.71
CA VAL B 290 -4.99 33.67 18.97
C VAL B 290 -5.35 34.90 19.80
N GLY B 291 -4.35 35.64 20.26
CA GLY B 291 -4.53 36.95 20.88
C GLY B 291 -4.06 36.99 22.31
N GLU B 292 -4.40 38.09 22.99
CA GLU B 292 -3.91 38.35 24.34
C GLU B 292 -4.59 37.49 25.42
N GLU B 293 -5.62 36.74 25.04
CA GLU B 293 -6.32 35.86 25.98
C GLU B 293 -6.30 34.40 25.51
N ALA B 294 -5.97 33.50 26.42
CA ALA B 294 -5.91 32.08 26.13
C ALA B 294 -7.19 31.46 25.62
N ARG B 295 -7.05 30.41 24.83
CA ARG B 295 -8.18 29.70 24.26
C ARG B 295 -7.97 28.24 24.51
N PHE B 296 -9.05 27.48 24.69
CA PHE B 296 -8.92 26.06 24.95
C PHE B 296 -9.60 25.23 23.88
N SER B 297 -9.24 23.96 23.78
CA SER B 297 -9.74 23.12 22.71
C SER B 297 -10.70 21.97 22.95
N LYS B 298 -11.76 21.94 22.18
CA LYS B 298 -12.77 20.92 22.27
C LYS B 298 -12.48 19.82 21.28
N HIS B 299 -11.31 19.91 20.66
CA HIS B 299 -10.85 18.96 19.66
C HIS B 299 -9.50 18.30 20.01
N GLY B 300 -9.11 18.35 21.29
CA GLY B 300 -7.83 17.77 21.73
C GLY B 300 -6.53 18.46 21.32
N LEU B 301 -6.60 19.69 20.78
CA LEU B 301 -5.40 20.48 20.48
C LEU B 301 -4.78 21.05 21.76
N LEU B 302 -3.53 21.49 21.64
CA LEU B 302 -2.81 22.06 22.77
C LEU B 302 -3.07 23.54 22.81
N SER B 303 -3.16 24.09 24.02
CA SER B 303 -3.26 25.52 24.27
C SER B 303 -1.93 25.88 24.86
N THR B 304 -1.29 26.94 24.36
CA THR B 304 0.04 27.25 24.82
C THR B 304 0.31 28.73 24.67
N VAL B 305 1.38 29.17 25.32
CA VAL B 305 1.90 30.52 25.16
C VAL B 305 2.57 30.62 23.78
N GLY B 306 2.31 31.72 23.08
CA GLY B 306 2.96 32.05 21.82
C GLY B 306 4.24 32.78 22.13
N PHE B 307 4.12 33.91 22.82
CA PHE B 307 5.27 34.74 23.18
C PHE B 307 4.91 35.88 24.15
N GLN B 308 5.89 36.35 24.89
CA GLN B 308 5.70 37.48 25.74
C GLN B 308 6.95 38.29 25.64
N VAL B 309 6.86 39.48 25.10
CA VAL B 309 8.04 40.28 24.99
C VAL B 309 8.19 41.24 26.17
N GLY B 310 9.09 40.89 27.07
CA GLY B 310 9.37 41.71 28.22
C GLY B 310 8.58 41.38 29.47
N ARG B 311 9.16 41.70 30.63
CA ARG B 311 8.49 41.45 31.90
C ARG B 311 7.21 42.21 31.81
N ASP B 312 6.11 41.51 31.95
CA ASP B 312 4.80 42.08 31.80
C ASP B 312 4.72 43.01 30.61
N GLY B 313 4.83 42.40 29.45
CA GLY B 313 4.70 43.05 28.18
C GLY B 313 3.48 42.24 27.91
N PRO B 314 2.67 42.60 26.85
CA PRO B 314 1.49 41.74 26.69
C PRO B 314 1.90 40.32 26.34
N CYS B 315 1.16 39.32 26.81
CA CYS B 315 1.51 37.94 26.51
C CYS B 315 0.55 37.34 25.52
N TYR B 316 1.06 36.87 24.40
CA TYR B 316 0.27 36.26 23.36
C TYR B 316 0.16 34.76 23.49
N TYR B 317 -1.00 34.25 23.18
CA TYR B 317 -1.27 32.85 23.37
C TYR B 317 -1.51 32.23 22.00
N ALA B 318 -1.50 30.90 21.95
CA ALA B 318 -1.67 30.21 20.70
C ALA B 318 -2.28 28.86 20.90
N LEU B 319 -2.81 28.33 19.81
CA LEU B 319 -3.18 26.93 19.71
C LEU B 319 -2.15 26.25 18.83
N GLU B 320 -1.96 24.95 19.10
CA GLU B 320 -0.95 24.13 18.47
C GLU B 320 -1.51 22.76 18.12
N GLY B 321 -1.15 22.30 16.92
CA GLY B 321 -1.46 20.97 16.43
C GLY B 321 -0.28 20.39 15.65
N ALA B 322 -0.39 19.11 15.36
CA ALA B 322 0.68 18.46 14.69
C ALA B 322 0.26 17.25 13.94
N ILE B 323 1.11 16.87 13.01
CA ILE B 323 0.91 15.69 12.21
C ILE B 323 2.20 14.93 12.44
N ALA B 324 2.11 13.66 12.77
CA ALA B 324 3.29 12.86 13.02
C ALA B 324 4.25 12.58 11.89
N CYS B 325 3.74 12.28 10.70
CA CYS B 325 4.61 12.00 9.58
C CYS B 325 4.37 12.92 8.40
N ALA B 326 5.31 13.78 8.10
CA ALA B 326 5.16 14.65 6.96
C ALA B 326 6.33 14.34 6.08
N GLY B 327 7.48 14.87 6.45
CA GLY B 327 8.70 14.63 5.71
C GLY B 327 9.03 13.17 5.76
N ALA B 328 8.73 12.57 6.88
CA ALA B 328 8.99 11.17 7.06
C ALA B 328 8.26 10.34 6.03
N THR B 329 7.04 10.74 5.70
CA THR B 329 6.31 10.02 4.69
C THR B 329 6.98 10.12 3.33
N VAL B 330 7.49 11.29 3.02
CA VAL B 330 8.14 11.52 1.74
C VAL B 330 9.40 10.65 1.69
N GLU B 331 10.20 10.71 2.74
CA GLU B 331 11.43 9.90 2.85
C GLU B 331 11.15 8.39 2.88
N TRP B 332 10.12 7.95 3.60
CA TRP B 332 9.69 6.55 3.56
C TRP B 332 9.39 6.05 2.15
N MET B 333 8.71 6.84 1.34
CA MET B 333 8.41 6.44 -0.03
C MET B 333 9.69 6.21 -0.83
N ARG B 334 10.72 6.97 -0.51
CA ARG B 334 12.04 6.91 -1.16
C ARG B 334 12.79 5.72 -0.64
N ARG B 335 13.13 5.73 0.65
CA ARG B 335 14.10 4.78 1.17
C ARG B 335 13.52 3.44 1.68
N ASN B 336 12.22 3.43 2.02
CA ASN B 336 11.54 2.17 2.30
C ASN B 336 10.90 1.52 1.09
N MET B 337 10.38 2.32 0.16
CA MET B 337 9.54 1.80 -0.92
C MET B 337 10.09 1.90 -2.34
N ASN B 338 11.21 2.63 -2.51
CA ASN B 338 11.85 2.77 -3.81
C ASN B 338 10.99 3.48 -4.86
N LEU B 339 10.06 4.31 -4.43
CA LEU B 339 9.16 4.98 -5.39
C LEU B 339 9.86 6.08 -6.18
N PHE B 340 10.95 6.61 -5.64
CA PHE B 340 11.82 7.53 -6.39
C PHE B 340 13.19 7.53 -5.73
N SER B 341 14.17 8.19 -6.33
CA SER B 341 15.53 8.28 -5.74
C SER B 341 15.92 9.70 -5.34
N HIS B 342 15.91 10.64 -6.30
CA HIS B 342 16.30 12.02 -5.99
C HIS B 342 15.11 12.77 -5.41
N ILE B 343 15.36 13.61 -4.42
CA ILE B 343 14.33 14.44 -3.75
C ILE B 343 13.27 15.07 -4.70
N THR B 344 13.73 15.62 -5.83
CA THR B 344 12.87 16.42 -6.70
C THR B 344 11.96 15.56 -7.56
N GLU B 345 12.26 14.27 -7.66
CA GLU B 345 11.37 13.34 -8.33
C GLU B 345 9.99 13.32 -7.65
N CYS B 346 9.95 13.50 -6.32
CA CYS B 346 8.69 13.41 -5.58
C CYS B 346 7.64 14.35 -6.19
N GLU B 347 7.97 15.63 -6.18
CA GLU B 347 7.14 16.66 -6.83
C GLU B 347 6.91 16.37 -8.31
N LYS B 348 7.97 15.99 -9.03
CA LYS B 348 7.86 15.74 -10.46
C LYS B 348 6.88 14.60 -10.76
N LEU B 349 6.99 13.49 -10.03
CA LEU B 349 6.08 12.35 -10.22
C LEU B 349 4.64 12.72 -9.87
N ALA B 350 4.42 13.38 -8.73
CA ALA B 350 3.05 13.76 -8.35
C ALA B 350 2.42 14.77 -9.34
N ARG B 351 3.23 15.64 -9.94
CA ARG B 351 2.73 16.56 -10.96
C ARG B 351 2.37 15.86 -12.27
N SER B 352 3.06 14.76 -12.57
CA SER B 352 2.83 14.02 -13.80
C SER B 352 1.45 13.37 -13.93
N VAL B 353 0.62 13.38 -12.88
CA VAL B 353 -0.77 12.92 -12.99
C VAL B 353 -1.75 14.03 -12.61
N PRO B 354 -2.94 14.03 -13.22
CA PRO B 354 -3.92 15.08 -12.94
C PRO B 354 -4.60 14.96 -11.59
N GLY B 355 -4.64 13.77 -11.03
CA GLY B 355 -5.11 13.59 -9.65
C GLY B 355 -4.74 12.21 -9.16
N THR B 356 -5.36 11.81 -8.05
CA THR B 356 -5.20 10.49 -7.45
C THR B 356 -6.18 9.44 -8.02
N GLN B 357 -7.22 9.91 -8.70
CA GLN B 357 -8.24 9.10 -9.40
C GLN B 357 -8.69 7.86 -8.65
N GLY B 358 -9.42 8.10 -7.56
CA GLY B 358 -9.93 7.04 -6.74
C GLY B 358 -9.14 6.88 -5.47
N ILE B 359 -7.80 6.84 -5.56
CA ILE B 359 -7.04 6.39 -4.36
C ILE B 359 -6.94 7.46 -3.28
N VAL B 360 -6.94 7.01 -2.04
CA VAL B 360 -6.51 7.80 -0.89
C VAL B 360 -5.39 7.05 -0.14
N PHE B 361 -4.40 7.79 0.33
CA PHE B 361 -3.27 7.23 1.06
C PHE B 361 -3.31 8.00 2.38
N VAL B 362 -3.61 7.29 3.47
CA VAL B 362 -3.61 7.92 4.79
C VAL B 362 -2.31 7.52 5.48
N PRO B 363 -1.30 8.42 5.45
CA PRO B 363 0.02 8.04 5.93
C PRO B 363 0.15 8.14 7.45
N ALA B 364 -0.68 7.39 8.15
CA ALA B 364 -0.71 7.36 9.63
C ALA B 364 0.19 6.26 10.18
N PHE B 365 1.47 6.31 9.84
CA PHE B 365 2.41 5.26 10.20
C PHE B 365 2.57 5.09 11.72
N SER B 366 2.37 6.15 12.48
CA SER B 366 2.40 6.06 13.95
C SER B 366 1.15 6.69 14.57
N GLY B 367 0.01 6.48 13.90
CA GLY B 367 -1.28 6.93 14.40
C GLY B 367 -1.60 8.35 14.04
N LEU B 368 -2.87 8.68 14.21
CA LEU B 368 -3.44 9.98 13.95
C LEU B 368 -3.44 10.80 15.21
N LEU B 369 -3.01 12.05 15.11
CA LEU B 369 -3.00 12.94 16.26
C LEU B 369 -4.08 14.01 16.06
N ALA B 370 -3.66 15.26 15.96
CA ALA B 370 -4.48 16.42 15.70
C ALA B 370 -5.86 16.30 16.31
N PRO B 371 -6.96 16.60 15.52
CA PRO B 371 -8.24 16.46 16.22
C PRO B 371 -8.80 15.06 16.21
N TYR B 372 -8.02 14.07 15.83
CA TYR B 372 -8.53 12.71 15.88
C TYR B 372 -7.51 11.78 16.51
N TRP B 373 -7.24 11.93 17.79
CA TRP B 373 -6.27 11.08 18.44
C TRP B 373 -6.70 9.66 18.24
N ASP B 374 -5.79 8.84 17.75
CA ASP B 374 -6.07 7.45 17.49
C ASP B 374 -4.78 6.73 17.27
N PRO B 375 -4.21 6.19 18.32
CA PRO B 375 -2.93 5.49 18.16
C PRO B 375 -3.08 4.20 17.38
N SER B 376 -4.32 3.82 17.16
CA SER B 376 -4.69 2.62 16.45
C SER B 376 -4.49 2.64 14.96
N ALA B 377 -4.57 3.83 14.43
CA ALA B 377 -4.49 4.05 12.99
C ALA B 377 -3.07 3.79 12.49
N ARG B 378 -2.99 3.12 11.34
CA ARG B 378 -1.71 2.72 10.71
C ARG B 378 -1.70 3.20 9.25
N GLY B 379 -0.60 3.01 8.54
CA GLY B 379 -0.50 3.53 7.18
C GLY B 379 -1.39 2.74 6.25
N THR B 380 -2.21 3.45 5.47
CA THR B 380 -3.20 2.76 4.64
C THR B 380 -3.51 3.37 3.28
N ILE B 381 -3.68 2.48 2.30
CA ILE B 381 -4.03 2.89 0.93
C ILE B 381 -5.28 2.16 0.45
N VAL B 382 -6.20 2.88 -0.16
CA VAL B 382 -7.47 2.30 -0.62
C VAL B 382 -7.75 2.83 -2.01
N GLY B 383 -8.48 2.04 -2.78
CA GLY B 383 -9.05 2.45 -4.06
C GLY B 383 -8.17 2.13 -5.24
N MET B 384 -7.20 1.27 -5.07
CA MET B 384 -6.32 0.96 -6.17
C MET B 384 -6.84 0.06 -7.26
N THR B 385 -6.47 0.35 -8.49
CA THR B 385 -6.73 -0.47 -9.66
C THR B 385 -5.42 -0.75 -10.36
N LEU B 386 -5.46 -1.55 -11.41
CA LEU B 386 -4.27 -1.81 -12.18
C LEU B 386 -3.75 -0.55 -12.91
N LYS B 387 -4.57 0.48 -12.96
CA LYS B 387 -4.17 1.80 -13.46
C LYS B 387 -3.33 2.65 -12.46
N THR B 388 -3.43 2.36 -11.17
CA THR B 388 -2.66 3.11 -10.15
C THR B 388 -1.16 2.90 -10.29
N THR B 389 -0.41 4.00 -10.19
CA THR B 389 1.05 4.01 -10.29
C THR B 389 1.62 4.74 -9.10
N ARG B 390 2.95 4.62 -8.96
CA ARG B 390 3.69 5.36 -7.92
C ARG B 390 3.40 6.87 -7.93
N ALA B 391 3.21 7.44 -9.13
CA ALA B 391 2.86 8.86 -9.27
C ALA B 391 1.57 9.23 -8.53
N HIS B 392 0.57 8.36 -8.61
CA HIS B 392 -0.71 8.59 -7.93
C HIS B 392 -0.52 8.47 -6.43
N VAL B 393 0.24 7.45 -6.02
CA VAL B 393 0.52 7.21 -4.59
C VAL B 393 1.27 8.38 -3.98
N ILE B 394 2.27 8.90 -4.69
CA ILE B 394 3.04 10.07 -4.19
C ILE B 394 2.19 11.31 -4.09
N ARG B 395 1.41 11.58 -5.14
CA ARG B 395 0.45 12.66 -5.10
C ARG B 395 -0.54 12.47 -3.94
N ALA B 396 -1.00 11.24 -3.71
CA ALA B 396 -1.93 10.96 -2.61
C ALA B 396 -1.32 11.24 -1.22
N ALA B 397 -0.03 10.98 -1.06
CA ALA B 397 0.66 11.27 0.20
C ALA B 397 0.66 12.76 0.47
N LEU B 398 0.98 13.55 -0.55
CA LEU B 398 1.01 15.01 -0.42
C LEU B 398 -0.38 15.59 -0.15
N GLN B 399 -1.39 15.14 -0.88
CA GLN B 399 -2.79 15.54 -0.59
C GLN B 399 -3.17 15.24 0.86
N ALA B 400 -2.72 14.09 1.35
CA ALA B 400 -3.04 13.61 2.69
C ALA B 400 -2.46 14.49 3.77
N ILE B 401 -1.22 14.95 3.59
CA ILE B 401 -0.62 15.91 4.51
C ILE B 401 -1.48 17.19 4.57
N ALA B 402 -1.74 17.77 3.41
CA ALA B 402 -2.61 18.93 3.30
C ALA B 402 -3.99 18.71 3.94
N LEU B 403 -4.58 17.53 3.71
CA LEU B 403 -5.87 17.19 4.33
C LEU B 403 -5.85 17.11 5.85
N GLN B 404 -4.75 16.65 6.44
CA GLN B 404 -4.69 16.61 7.88
C GLN B 404 -4.58 18.02 8.41
N LEU B 405 -3.79 18.85 7.74
CA LEU B 405 -3.63 20.22 8.18
C LEU B 405 -4.90 21.01 7.97
N ASN B 406 -5.67 20.66 6.95
CA ASN B 406 -6.99 21.24 6.81
C ASN B 406 -7.88 20.97 8.02
N ASP B 407 -7.92 19.70 8.41
CA ASP B 407 -8.67 19.28 9.58
C ASP B 407 -8.18 20.00 10.83
N VAL B 408 -6.87 20.15 10.96
CA VAL B 408 -6.29 20.81 12.13
C VAL B 408 -6.74 22.27 12.23
N VAL B 409 -6.69 22.96 11.10
CA VAL B 409 -7.08 24.36 11.01
C VAL B 409 -8.59 24.55 11.22
N GLY B 410 -9.41 23.65 10.66
CA GLY B 410 -10.84 23.65 10.91
C GLY B 410 -11.15 23.68 12.40
N SER B 411 -10.53 22.76 13.14
CA SER B 411 -10.60 22.73 14.59
C SER B 411 -10.12 24.01 15.25
N MET B 412 -8.93 24.47 14.88
CA MET B 412 -8.38 25.67 15.50
C MET B 412 -9.29 26.88 15.34
N LYS B 413 -9.85 27.03 14.13
CA LYS B 413 -10.79 28.10 13.84
C LYS B 413 -11.96 28.10 14.84
N ARG B 414 -12.57 26.94 15.04
CA ARG B 414 -13.68 26.80 15.96
C ARG B 414 -13.30 26.90 17.41
N ASP B 415 -12.18 26.28 17.77
CA ASP B 415 -11.69 26.30 19.14
C ASP B 415 -11.26 27.71 19.54
N ALA B 416 -10.96 28.54 18.55
CA ALA B 416 -10.55 29.90 18.83
C ALA B 416 -11.54 30.90 18.31
N GLY B 417 -12.36 30.48 17.37
CA GLY B 417 -13.34 31.38 16.81
C GLY B 417 -12.65 32.50 16.08
N LEU B 418 -11.86 32.15 15.08
CA LEU B 418 -11.15 33.13 14.30
C LEU B 418 -10.91 32.59 12.91
N ASN B 419 -10.53 33.49 12.00
CA ASN B 419 -10.24 33.13 10.62
C ASN B 419 -8.73 33.11 10.48
N LEU B 420 -8.21 32.16 9.71
CA LEU B 420 -6.79 32.07 9.57
C LEU B 420 -6.51 33.09 8.51
N SER B 421 -5.84 34.17 8.86
CA SER B 421 -5.59 35.21 7.89
C SER B 421 -4.61 34.77 6.84
N SER B 422 -3.56 34.10 7.27
CA SER B 422 -2.55 33.60 6.35
C SER B 422 -1.69 32.59 7.04
N LEU B 423 -0.98 31.80 6.26
CA LEU B 423 -0.12 30.80 6.83
C LEU B 423 1.29 30.88 6.28
N ARG B 424 2.26 30.98 7.16
CA ARG B 424 3.62 31.02 6.73
C ARG B 424 4.07 29.62 6.93
N VAL B 425 4.94 29.15 6.07
CA VAL B 425 5.40 27.79 6.17
C VAL B 425 6.88 27.72 6.03
N ASP B 426 7.48 26.71 6.65
CA ASP B 426 8.90 26.53 6.59
C ASP B 426 9.14 25.07 6.86
N GLY B 427 10.29 24.54 6.50
CA GLY B 427 10.56 23.15 6.78
C GLY B 427 11.30 22.21 5.87
N GLY B 428 11.34 22.49 4.58
CA GLY B 428 12.01 21.58 3.67
C GLY B 428 10.88 21.12 2.82
N LEU B 429 9.87 20.55 3.44
CA LEU B 429 8.72 20.13 2.68
C LEU B 429 8.03 21.38 2.15
N SER B 430 8.45 22.55 2.61
CA SER B 430 7.88 23.77 2.10
C SER B 430 8.48 24.04 0.73
N LYS B 431 9.51 23.29 0.36
CA LYS B 431 10.13 23.45 -0.93
C LYS B 431 9.38 22.70 -2.00
N ASN B 432 8.33 22.00 -1.61
CA ASN B 432 7.48 21.27 -2.56
C ASN B 432 6.32 22.16 -3.01
N GLY B 433 6.45 22.74 -4.18
CA GLY B 433 5.47 23.67 -4.74
C GLY B 433 4.08 23.11 -4.90
N LEU B 434 3.95 21.84 -5.27
CA LEU B 434 2.64 21.19 -5.41
C LEU B 434 1.95 21.13 -4.06
N LEU B 435 2.69 20.68 -3.05
CA LEU B 435 2.15 20.61 -1.69
C LEU B 435 1.65 21.97 -1.22
N MET B 436 2.42 23.03 -1.44
CA MET B 436 1.98 24.39 -1.03
C MET B 436 0.73 24.84 -1.83
N GLU B 437 0.68 24.55 -3.12
CA GLU B 437 -0.55 24.73 -3.91
C GLU B 437 -1.76 23.98 -3.36
N ILE B 438 -1.63 22.68 -3.11
CA ILE B 438 -2.75 21.91 -2.56
C ILE B 438 -3.17 22.49 -1.21
N GLN B 439 -2.18 22.86 -0.41
CA GLN B 439 -2.44 23.34 0.93
C GLN B 439 -3.25 24.63 0.86
N ALA B 440 -2.87 25.54 -0.03
CA ALA B 440 -3.57 26.84 -0.17
C ALA B 440 -5.02 26.69 -0.62
N SER B 441 -5.26 25.83 -1.59
CA SER B 441 -6.62 25.54 -2.07
C SER B 441 -7.54 25.01 -0.98
N LEU B 442 -7.02 24.11 -0.15
CA LEU B 442 -7.81 23.50 0.92
C LEU B 442 -8.09 24.46 2.08
N LEU B 443 -7.11 25.23 2.49
CA LEU B 443 -7.31 26.20 3.56
C LEU B 443 -8.00 27.43 3.02
N GLY B 444 -7.77 27.73 1.75
CA GLY B 444 -8.31 28.94 1.11
C GLY B 444 -7.70 30.19 1.72
N VAL B 445 -6.37 30.19 1.86
CA VAL B 445 -5.60 31.37 2.28
C VAL B 445 -4.24 31.33 1.60
N ASP B 446 -3.59 32.48 1.51
CA ASP B 446 -2.21 32.57 1.05
C ASP B 446 -1.24 31.79 1.95
N ILE B 447 -0.24 31.20 1.31
CA ILE B 447 0.82 30.53 1.97
C ILE B 447 2.07 31.31 1.60
N LEU B 448 2.72 31.86 2.62
CA LEU B 448 3.96 32.63 2.47
C LEU B 448 5.16 31.71 2.73
N VAL B 449 6.05 31.57 1.76
CA VAL B 449 7.23 30.75 1.90
C VAL B 449 8.41 31.70 1.96
N PRO B 450 8.99 31.90 3.16
CA PRO B 450 10.13 32.79 3.27
C PRO B 450 11.37 32.18 2.60
N SER B 451 12.18 33.01 1.95
CA SER B 451 13.42 32.54 1.34
C SER B 451 14.61 32.65 2.31
N MET B 452 14.50 33.46 3.37
CA MET B 452 15.42 33.31 4.50
C MET B 452 14.86 32.16 5.33
N HIS B 453 15.51 31.00 5.22
CA HIS B 453 14.98 29.75 5.80
C HIS B 453 15.62 29.41 7.18
N GLU B 454 15.87 30.44 7.98
CA GLU B 454 16.44 30.28 9.28
C GLU B 454 15.55 30.96 10.34
N THR B 455 14.24 30.77 10.15
CA THR B 455 13.22 31.51 10.83
C THR B 455 13.05 31.09 12.28
N THR B 456 13.23 29.80 12.55
CA THR B 456 13.24 29.33 13.94
C THR B 456 14.36 30.00 14.75
N ALA B 457 15.58 30.03 14.20
CA ALA B 457 16.69 30.65 14.88
C ALA B 457 16.55 32.20 14.93
N LEU B 458 15.89 32.78 13.93
CA LEU B 458 15.58 34.21 13.96
C LEU B 458 14.67 34.63 15.14
N GLY B 459 13.66 33.82 15.44
CA GLY B 459 12.81 34.10 16.59
C GLY B 459 13.55 34.44 17.88
N ALA B 460 14.54 33.65 18.21
CA ALA B 460 15.28 33.83 19.45
C ALA B 460 16.20 35.03 19.38
N ALA B 461 16.74 35.29 18.19
CA ALA B 461 17.56 36.48 17.93
C ALA B 461 16.72 37.74 18.03
N LEU B 462 15.53 37.74 17.45
CA LEU B 462 14.58 38.84 17.64
C LEU B 462 14.28 39.15 19.13
N CYS B 463 13.95 38.13 19.92
CA CYS B 463 13.76 38.31 21.39
C CYS B 463 14.94 38.94 22.11
N ALA B 464 16.13 38.39 21.87
CA ALA B 464 17.38 38.97 22.38
C ALA B 464 17.62 40.41 21.88
N GLY B 465 17.49 40.63 20.58
CA GLY B 465 17.71 41.93 19.98
C GLY B 465 16.71 43.02 20.36
N LEU B 466 15.46 42.63 20.60
CA LEU B 466 14.47 43.55 21.14
C LEU B 466 14.89 44.02 22.53
N ALA B 467 15.36 43.11 23.36
CA ALA B 467 15.76 43.46 24.72
C ALA B 467 17.08 44.25 24.78
N ALA B 468 18.00 44.00 23.84
CA ALA B 468 19.29 44.74 23.79
C ALA B 468 19.26 46.00 22.90
N GLY B 469 18.13 46.30 22.29
CA GLY B 469 17.98 47.52 21.52
C GLY B 469 18.58 47.54 20.13
N VAL B 470 18.82 46.36 19.55
CA VAL B 470 19.22 46.28 18.14
C VAL B 470 18.05 46.73 17.25
N TRP B 471 16.86 46.23 17.60
CA TRP B 471 15.58 46.63 17.01
C TRP B 471 14.71 47.16 18.15
N THR B 472 13.89 48.18 17.86
CA THR B 472 13.18 48.98 18.89
C THR B 472 11.72 48.54 19.06
N SER B 473 11.12 47.99 18.00
CA SER B 473 9.73 47.55 18.05
C SER B 473 9.42 46.47 17.01
N LEU B 474 8.31 45.79 17.24
CA LEU B 474 7.78 44.84 16.28
C LEU B 474 7.57 45.46 14.90
N GLU B 475 7.22 46.74 14.87
CA GLU B 475 7.08 47.47 13.60
C GLU B 475 8.42 47.58 12.89
N GLU B 476 9.46 48.02 13.61
CA GLU B 476 10.81 48.02 13.04
C GLU B 476 11.22 46.58 12.62
N VAL B 477 10.97 45.60 13.48
CA VAL B 477 11.23 44.19 13.12
C VAL B 477 10.52 43.86 11.78
N LYS B 478 9.20 44.07 11.71
CA LYS B 478 8.45 43.79 10.47
C LYS B 478 9.05 44.53 9.28
N ALA B 479 9.31 45.83 9.46
CA ALA B 479 9.79 46.68 8.36
C ALA B 479 11.16 46.22 7.81
N VAL B 480 12.12 45.93 8.71
CA VAL B 480 13.42 45.38 8.28
C VAL B 480 13.24 44.06 7.52
N SER B 481 12.32 43.23 7.99
CA SER B 481 12.03 41.96 7.33
C SER B 481 11.59 42.18 5.87
N ARG B 482 10.59 43.05 5.67
CA ARG B 482 10.10 43.39 4.30
C ARG B 482 11.22 43.83 3.37
N ARG B 483 12.08 44.72 3.87
CA ARG B 483 13.16 45.28 3.07
C ARG B 483 14.19 44.23 2.67
N GLU B 484 14.51 43.30 3.59
CA GLU B 484 15.67 42.42 3.40
C GLU B 484 15.36 41.00 2.95
N ASN B 485 14.24 40.45 3.42
CA ASN B 485 14.03 39.00 3.30
C ASN B 485 12.76 38.75 2.54
N SER B 486 12.87 38.39 1.27
CA SER B 486 11.72 38.16 0.42
C SER B 486 11.04 36.82 0.70
N TRP B 487 9.84 36.67 0.14
CA TRP B 487 9.07 35.46 0.26
C TRP B 487 8.32 35.21 -1.03
N LYS B 488 8.05 33.94 -1.31
CA LYS B 488 7.26 33.49 -2.45
C LYS B 488 5.89 33.38 -1.85
N THR B 489 4.86 33.75 -2.60
CA THR B 489 3.50 33.71 -2.08
C THR B 489 2.67 32.83 -3.02
N VAL B 490 1.94 31.90 -2.43
CA VAL B 490 1.22 30.85 -3.14
C VAL B 490 -0.23 31.01 -2.76
N SER B 491 -1.06 31.37 -3.72
CA SER B 491 -2.48 31.66 -3.47
C SER B 491 -3.36 30.47 -3.80
N PRO B 492 -4.57 30.41 -3.22
CA PRO B 492 -5.55 29.35 -3.52
C PRO B 492 -6.04 29.36 -4.96
N SER B 493 -6.45 28.19 -5.45
CA SER B 493 -6.96 28.05 -6.83
C SER B 493 -7.73 26.74 -7.07
N GLY B 494 -8.72 26.46 -6.22
CA GLY B 494 -9.57 25.27 -6.33
C GLY B 494 -11.01 25.55 -6.73
N SER B 495 -11.90 24.64 -6.33
CA SER B 495 -13.35 24.78 -6.53
C SER B 495 -14.03 24.28 -5.29
N ALA B 496 -15.05 24.98 -4.83
CA ALA B 496 -15.86 24.53 -3.69
C ALA B 496 -16.19 23.02 -3.78
N MET B 497 -16.67 22.59 -4.94
CA MET B 497 -17.06 21.18 -5.17
C MET B 497 -15.89 20.18 -5.19
N GLU B 498 -14.70 20.61 -5.63
CA GLU B 498 -13.52 19.73 -5.66
C GLU B 498 -13.00 19.51 -4.24
N ARG B 499 -12.73 20.61 -3.55
CA ARG B 499 -12.42 20.61 -2.13
C ARG B 499 -13.33 19.63 -1.41
N GLU B 500 -14.65 19.86 -1.51
CA GLU B 500 -15.61 19.04 -0.75
C GLU B 500 -15.56 17.56 -1.19
N ALA B 501 -15.28 17.30 -2.47
CA ALA B 501 -15.15 15.93 -2.97
C ALA B 501 -13.90 15.24 -2.44
N MET B 502 -12.79 15.97 -2.41
CA MET B 502 -11.55 15.50 -1.78
C MET B 502 -11.79 15.18 -0.29
N ILE B 503 -12.48 16.08 0.41
CA ILE B 503 -12.68 15.90 1.85
C ILE B 503 -13.63 14.71 2.16
N ALA B 504 -14.70 14.56 1.38
CA ALA B 504 -15.66 13.48 1.59
C ALA B 504 -14.99 12.13 1.35
N GLU B 505 -14.22 12.05 0.27
CA GLU B 505 -13.39 10.90 -0.07
C GLU B 505 -12.36 10.61 1.06
N TRP B 506 -11.67 11.65 1.52
CA TRP B 506 -10.71 11.54 2.65
C TRP B 506 -11.40 10.99 3.93
N ARG B 507 -12.53 11.60 4.31
CA ARG B 507 -13.33 11.17 5.49
C ARG B 507 -13.63 9.67 5.50
N GLU B 508 -14.02 9.13 4.34
CA GLU B 508 -14.26 7.69 4.16
C GLU B 508 -12.99 6.84 4.35
N ALA B 509 -11.87 7.32 3.83
CA ALA B 509 -10.60 6.61 3.98
C ALA B 509 -10.22 6.48 5.45
N LEU B 510 -10.34 7.58 6.20
CA LEU B 510 -10.05 7.59 7.63
C LEU B 510 -10.76 6.45 8.37
N LYS B 511 -11.97 6.11 7.96
CA LYS B 511 -12.71 5.05 8.61
C LYS B 511 -12.08 3.69 8.44
N ARG B 512 -11.23 3.54 7.45
CA ARG B 512 -10.62 2.27 7.20
C ARG B 512 -9.22 2.13 7.74
N THR B 513 -8.73 3.13 8.47
CA THR B 513 -7.38 3.09 9.00
C THR B 513 -7.13 2.46 10.34
N LYS B 514 -8.14 2.15 11.14
CA LYS B 514 -7.88 1.58 12.45
C LYS B 514 -7.29 0.20 12.28
N TRP B 515 -6.14 -0.04 12.89
CA TRP B 515 -5.50 -1.33 12.78
C TRP B 515 -4.85 -1.89 14.02
N ALA B 516 -3.98 -1.12 14.64
CA ALA B 516 -3.24 -1.60 15.82
C ALA B 516 -4.10 -1.95 17.00
N LYS B 517 -3.78 -3.10 17.61
CA LYS B 517 -4.51 -3.63 18.74
C LYS B 517 -5.97 -3.77 18.38
#